data_6C62
#
_entry.id   6C62
#
_cell.length_a   79.489
_cell.length_b   89.040
_cell.length_c   141.672
_cell.angle_alpha   90.00
_cell.angle_beta   101.89
_cell.angle_gamma   90.00
#
_symmetry.space_group_name_H-M   'I 1 2 1'
#
loop_
_entity.id
_entity.type
_entity.pdbx_description
1 polymer 'Biuret hydrolase'
2 polymer AtzG
3 non-polymer 'MAGNESIUM ION'
4 water water
#
loop_
_entity_poly.entity_id
_entity_poly.type
_entity_poly.pdbx_seq_one_letter_code
_entity_poly.pdbx_strand_id
1 'polypeptide(L)'
;MKTVEIIEGIASGRTSARDVCEEALATIGATDGLINAFTCRTVERARAEADAIDVRRARGEVLPPLAGLPYAVKNLFDIE
GVTTLAGSKINRTLPPARADAVLVQRLKAAGAVLLGGLNMDEFAYGFTTENTHYGPTRNPHDTGRIAGGSSGGSGAAIAA
GQVPLSLGSDTNGSIRVPASLCGVWGLKPTFGRLSRRGTYPFVHSIDHLGPLADSVEGLALAYDAMQGPDPLDPG(CSO)
SASRIQPSVPVLSQGIAGLRIGVLGGWFRDNAGPAARAAVDVAALTLGASEVVMWPDAEIGRAAAFVITASEGGCLHLDD
LRIRPQDFEPLSVDRFISGVLQPVAWYLRAQRFRRVYRDKVNALFRDWDILIAPATPISAPAIGTEWIEVNGTRHPCRPA
MGLLTQPVSFAGCPVVAAPTWPGENDGMPIGVQLIAAPWNESLCLRAGKVLQDTGIARLKC
;
A,B
2 'polypeptide(L)' MTETEIFAYIEAASIAIGIPLEPARARAVAHHFSRTALLAEMLESVPLSPESELAEIYRPAPFPAEDI C,D
#
loop_
_chem_comp.id
_chem_comp.type
_chem_comp.name
_chem_comp.formula
MG non-polymer 'MAGNESIUM ION' 'Mg 2'
#
# COMPACT_ATOMS: atom_id res chain seq x y z
N MET A 1 1.30 -20.04 -4.76
CA MET A 1 1.57 -18.70 -4.16
C MET A 1 0.36 -17.81 -4.48
N LYS A 2 0.20 -16.83 -3.64
CA LYS A 2 -0.99 -16.04 -3.65
C LYS A 2 -0.77 -14.82 -4.52
N THR A 3 -1.88 -14.12 -4.78
CA THR A 3 -1.94 -12.88 -5.55
C THR A 3 -0.77 -11.97 -5.27
N VAL A 4 -0.54 -11.62 -4.02
CA VAL A 4 0.48 -10.63 -3.66
C VAL A 4 1.87 -11.09 -4.12
N GLU A 5 2.20 -12.34 -3.87
CA GLU A 5 3.47 -12.92 -4.26
C GLU A 5 3.60 -13.02 -5.78
N ILE A 6 2.53 -13.42 -6.48
CA ILE A 6 2.54 -13.42 -7.94
C ILE A 6 2.88 -12.05 -8.50
N ILE A 7 2.18 -11.05 -8.02
CA ILE A 7 2.40 -9.68 -8.49
C ILE A 7 3.83 -9.20 -8.22
N GLU A 8 4.32 -9.55 -7.04
CA GLU A 8 5.67 -9.19 -6.62
C GLU A 8 6.73 -9.85 -7.48
N GLY A 9 6.52 -11.13 -7.80
CA GLY A 9 7.41 -11.89 -8.68
C GLY A 9 7.56 -11.28 -10.07
N ILE A 10 6.45 -10.80 -10.63
CA ILE A 10 6.52 -10.13 -11.92
C ILE A 10 7.13 -8.74 -11.85
N ALA A 11 6.72 -7.98 -10.83
CA ALA A 11 7.28 -6.64 -10.63
C ALA A 11 8.81 -6.65 -10.44
N SER A 12 9.28 -7.55 -9.62
CA SER A 12 10.71 -7.70 -9.30
C SER A 12 11.54 -8.44 -10.37
N GLY A 13 10.92 -8.99 -11.42
CA GLY A 13 11.69 -9.70 -12.44
C GLY A 13 12.09 -11.11 -12.12
N ARG A 14 11.64 -11.65 -10.99
N ARG A 14 11.63 -11.64 -10.99
CA ARG A 14 11.86 -13.06 -10.68
CA ARG A 14 11.78 -13.05 -10.63
C ARG A 14 11.15 -14.01 -11.67
C ARG A 14 11.14 -14.00 -11.66
N THR A 15 9.99 -13.61 -12.15
N THR A 15 9.96 -13.62 -12.14
CA THR A 15 9.35 -14.42 -13.17
CA THR A 15 9.28 -14.41 -13.14
C THR A 15 8.76 -13.47 -14.21
C THR A 15 8.75 -13.46 -14.20
N SER A 16 8.73 -13.90 -15.47
CA SER A 16 8.07 -13.15 -16.48
C SER A 16 6.54 -13.36 -16.38
N ALA A 17 5.81 -12.36 -16.86
CA ALA A 17 4.37 -12.48 -16.94
C ALA A 17 3.97 -13.62 -17.87
N ARG A 18 4.69 -13.76 -18.97
CA ARG A 18 4.41 -14.84 -19.90
C ARG A 18 4.58 -16.21 -19.21
N ASP A 19 5.61 -16.39 -18.39
CA ASP A 19 5.74 -17.67 -17.64
C ASP A 19 4.60 -17.93 -16.66
N VAL A 20 4.16 -16.88 -15.99
CA VAL A 20 3.02 -16.96 -15.09
C VAL A 20 1.75 -17.36 -15.83
N CYS A 21 1.52 -16.74 -16.99
CA CYS A 21 0.42 -17.10 -17.87
C CYS A 21 0.46 -18.60 -18.34
N GLU A 22 1.63 -19.03 -18.82
CA GLU A 22 1.80 -20.42 -19.25
C GLU A 22 1.59 -21.45 -18.10
N GLU A 23 2.02 -21.13 -16.88
CA GLU A 23 1.72 -21.98 -15.75
C GLU A 23 0.21 -22.14 -15.49
N ALA A 24 -0.52 -21.01 -15.53
CA ALA A 24 -1.95 -21.10 -15.36
C ALA A 24 -2.59 -21.92 -16.50
N LEU A 25 -2.19 -21.67 -17.74
CA LEU A 25 -2.70 -22.47 -18.83
C LEU A 25 -2.47 -23.98 -18.66
N ALA A 26 -1.27 -24.36 -18.22
CA ALA A 26 -0.95 -25.75 -18.02
C ALA A 26 -1.79 -26.34 -16.86
N THR A 27 -1.99 -25.59 -15.78
CA THR A 27 -2.87 -26.07 -14.69
C THR A 27 -4.32 -26.27 -15.14
N ILE A 28 -4.81 -25.35 -15.95
CA ILE A 28 -6.16 -25.48 -16.48
C ILE A 28 -6.21 -26.76 -17.34
N GLY A 29 -5.23 -26.93 -18.23
CA GLY A 29 -5.19 -28.10 -19.11
C GLY A 29 -5.19 -29.39 -18.31
N ALA A 30 -4.44 -29.42 -17.23
CA ALA A 30 -4.35 -30.64 -16.43
C ALA A 30 -5.51 -30.94 -15.50
N THR A 31 -6.26 -29.92 -15.04
CA THR A 31 -7.28 -30.11 -14.01
C THR A 31 -8.71 -29.89 -14.48
N ASP A 32 -8.90 -29.19 -15.59
CA ASP A 32 -10.26 -28.77 -15.89
C ASP A 32 -11.11 -29.83 -16.59
N GLY A 33 -10.49 -30.90 -17.15
CA GLY A 33 -11.30 -32.02 -17.59
C GLY A 33 -12.23 -32.49 -16.45
N LEU A 34 -11.70 -32.58 -15.21
CA LEU A 34 -12.51 -32.98 -14.07
C LEU A 34 -13.32 -31.82 -13.39
N ILE A 35 -12.70 -30.68 -13.14
CA ILE A 35 -13.34 -29.59 -12.37
C ILE A 35 -14.44 -28.95 -13.22
N ASN A 36 -14.19 -28.79 -14.52
CA ASN A 36 -15.12 -28.19 -15.47
C ASN A 36 -15.55 -26.77 -15.04
N ALA A 37 -14.57 -25.95 -14.66
CA ALA A 37 -14.81 -24.54 -14.33
C ALA A 37 -14.81 -23.67 -15.57
N PHE A 38 -14.06 -24.00 -16.61
CA PHE A 38 -13.96 -23.14 -17.79
C PHE A 38 -14.89 -23.53 -18.93
N THR A 39 -15.53 -22.58 -19.59
CA THR A 39 -16.26 -22.83 -20.81
C THR A 39 -15.55 -22.29 -22.01
N CYS A 40 -14.55 -21.42 -21.82
CA CYS A 40 -13.81 -20.92 -22.92
C CYS A 40 -12.43 -20.43 -22.49
N ARG A 41 -11.42 -20.77 -23.23
CA ARG A 41 -10.04 -20.40 -22.85
C ARG A 41 -9.52 -19.39 -23.87
N THR A 42 -9.22 -18.16 -23.43
CA THR A 42 -8.78 -17.08 -24.30
C THR A 42 -7.26 -17.06 -24.44
N VAL A 43 -6.73 -18.06 -25.09
CA VAL A 43 -5.28 -18.39 -24.99
C VAL A 43 -4.43 -17.36 -25.70
N GLU A 44 -4.81 -17.04 -26.92
CA GLU A 44 -4.13 -16.05 -27.70
C GLU A 44 -4.16 -14.65 -27.03
N ARG A 45 -5.31 -14.25 -26.54
CA ARG A 45 -5.42 -13.02 -25.78
C ARG A 45 -4.56 -13.02 -24.53
N ALA A 46 -4.59 -14.08 -23.75
CA ALA A 46 -3.80 -14.16 -22.56
C ALA A 46 -2.33 -13.99 -22.85
N ARG A 47 -1.85 -14.69 -23.87
CA ARG A 47 -0.44 -14.64 -24.18
C ARG A 47 -0.03 -13.23 -24.65
N ALA A 48 -0.87 -12.57 -25.43
CA ALA A 48 -0.55 -11.21 -25.91
C ALA A 48 -0.59 -10.22 -24.75
N GLU A 49 -1.52 -10.37 -23.80
CA GLU A 49 -1.56 -9.50 -22.63
C GLU A 49 -0.33 -9.64 -21.73
N ALA A 50 0.06 -10.89 -21.50
CA ALA A 50 1.25 -11.19 -20.69
C ALA A 50 2.51 -10.64 -21.39
N ASP A 51 2.62 -10.91 -22.68
CA ASP A 51 3.72 -10.35 -23.46
C ASP A 51 3.83 -8.80 -23.33
N ALA A 52 2.70 -8.12 -23.42
CA ALA A 52 2.67 -6.65 -23.30
C ALA A 52 3.15 -6.14 -21.94
N ILE A 53 2.81 -6.83 -20.87
CA ILE A 53 3.32 -6.49 -19.54
C ILE A 53 4.88 -6.67 -19.51
N ASP A 54 5.40 -7.77 -20.04
CA ASP A 54 6.86 -7.98 -20.10
C ASP A 54 7.55 -6.86 -20.93
N VAL A 55 6.95 -6.44 -22.03
CA VAL A 55 7.48 -5.28 -22.77
C VAL A 55 7.55 -4.01 -21.92
N ARG A 56 6.49 -3.70 -21.17
CA ARG A 56 6.48 -2.54 -20.33
C ARG A 56 7.52 -2.58 -19.24
N ARG A 57 7.62 -3.72 -18.59
CA ARG A 57 8.63 -3.93 -17.56
C ARG A 57 10.05 -3.73 -18.10
N ALA A 58 10.34 -4.31 -19.26
CA ALA A 58 11.65 -4.23 -19.86
C ALA A 58 12.00 -2.83 -20.28
N ARG A 59 10.98 -1.97 -20.57
CA ARG A 59 11.20 -0.56 -20.85
C ARG A 59 11.50 0.29 -19.61
N GLY A 60 11.38 -0.29 -18.42
CA GLY A 60 11.64 0.39 -17.19
C GLY A 60 10.42 1.05 -16.62
N GLU A 61 9.22 0.77 -17.12
CA GLU A 61 8.03 1.45 -16.59
C GLU A 61 7.64 0.96 -15.22
N VAL A 62 6.94 1.84 -14.50
CA VAL A 62 6.26 1.48 -13.29
C VAL A 62 5.04 0.64 -13.70
N LEU A 63 4.92 -0.59 -13.18
CA LEU A 63 3.81 -1.45 -13.61
C LEU A 63 2.53 -1.15 -12.90
N PRO A 64 1.38 -1.40 -13.54
CA PRO A 64 0.13 -1.15 -12.81
C PRO A 64 -0.10 -2.25 -11.72
N PRO A 65 -1.04 -2.02 -10.82
CA PRO A 65 -1.12 -2.79 -9.58
C PRO A 65 -1.45 -4.26 -9.72
N LEU A 66 -2.08 -4.64 -10.83
CA LEU A 66 -2.36 -6.08 -11.05
C LEU A 66 -1.51 -6.66 -12.18
N ALA A 67 -0.37 -6.05 -12.48
CA ALA A 67 0.41 -6.43 -13.68
C ALA A 67 0.80 -7.87 -13.73
N GLY A 68 0.26 -8.58 -14.71
CA GLY A 68 0.57 -9.97 -14.99
C GLY A 68 -0.30 -10.98 -14.28
N LEU A 69 -1.26 -10.53 -13.47
CA LEU A 69 -2.07 -11.43 -12.61
C LEU A 69 -3.12 -12.14 -13.48
N PRO A 70 -3.08 -13.47 -13.55
CA PRO A 70 -4.16 -14.13 -14.29
C PRO A 70 -5.52 -14.11 -13.62
N TYR A 71 -6.57 -14.06 -14.44
CA TYR A 71 -7.96 -14.07 -13.93
C TYR A 71 -8.87 -14.66 -14.99
N ALA A 72 -10.03 -15.07 -14.54
CA ALA A 72 -11.09 -15.52 -15.44
C ALA A 72 -12.42 -14.98 -14.97
N VAL A 73 -13.42 -15.00 -15.87
CA VAL A 73 -14.73 -14.37 -15.54
C VAL A 73 -15.91 -15.29 -15.80
N LYS A 74 -16.92 -15.21 -14.95
CA LYS A 74 -18.19 -15.88 -15.20
C LYS A 74 -18.68 -15.54 -16.60
N ASN A 75 -19.21 -16.54 -17.32
CA ASN A 75 -19.48 -16.36 -18.74
C ASN A 75 -20.73 -15.53 -19.05
N LEU A 76 -21.33 -14.86 -18.05
CA LEU A 76 -22.22 -13.74 -18.34
C LEU A 76 -21.47 -12.37 -18.61
N PHE A 77 -20.14 -12.34 -18.45
CA PHE A 77 -19.38 -11.16 -18.76
C PHE A 77 -19.01 -11.20 -20.24
N ASP A 78 -19.22 -10.06 -20.90
CA ASP A 78 -18.82 -9.89 -22.34
C ASP A 78 -17.31 -9.88 -22.40
N ILE A 79 -16.79 -10.69 -23.30
CA ILE A 79 -15.38 -10.77 -23.64
C ILE A 79 -15.34 -10.47 -25.15
N GLU A 80 -14.60 -9.44 -25.52
CA GLU A 80 -14.54 -9.03 -26.92
C GLU A 80 -14.21 -10.20 -27.84
N GLY A 81 -15.01 -10.35 -28.91
CA GLY A 81 -14.82 -11.42 -29.86
C GLY A 81 -15.39 -12.75 -29.50
N VAL A 82 -16.03 -12.86 -28.33
CA VAL A 82 -16.56 -14.14 -27.87
C VAL A 82 -18.06 -13.91 -27.63
N THR A 83 -18.86 -14.89 -28.01
CA THR A 83 -20.30 -14.87 -27.74
C THR A 83 -20.59 -15.12 -26.26
N THR A 84 -21.32 -14.20 -25.66
CA THR A 84 -21.62 -14.30 -24.21
C THR A 84 -22.70 -15.35 -23.94
N LEU A 85 -22.31 -16.44 -23.31
CA LEU A 85 -23.27 -17.58 -23.13
C LEU A 85 -24.23 -17.43 -21.97
N ALA A 86 -23.78 -16.83 -20.85
CA ALA A 86 -24.57 -16.78 -19.61
C ALA A 86 -25.16 -18.17 -19.26
N GLY A 87 -24.32 -19.20 -19.39
CA GLY A 87 -24.65 -20.58 -19.08
C GLY A 87 -25.73 -21.27 -19.93
N SER A 88 -26.10 -20.65 -21.06
CA SER A 88 -27.20 -21.06 -21.84
C SER A 88 -26.75 -21.64 -23.15
N LYS A 89 -27.63 -22.45 -23.74
CA LYS A 89 -27.48 -22.75 -25.14
C LYS A 89 -28.20 -21.80 -26.06
N ILE A 90 -29.27 -21.15 -25.56
CA ILE A 90 -29.98 -20.12 -26.28
C ILE A 90 -29.10 -19.02 -26.86
N ASN A 91 -28.14 -18.55 -26.08
CA ASN A 91 -27.27 -17.45 -26.51
C ASN A 91 -26.20 -17.86 -27.55
N ARG A 92 -26.09 -19.14 -27.90
CA ARG A 92 -24.92 -19.56 -28.72
C ARG A 92 -24.85 -18.87 -30.08
N THR A 93 -25.99 -18.58 -30.66
CA THR A 93 -26.09 -17.99 -31.95
C THR A 93 -26.07 -16.46 -31.99
N LEU A 94 -25.92 -15.80 -30.83
CA LEU A 94 -25.91 -14.35 -30.79
C LEU A 94 -24.55 -13.87 -31.32
N PRO A 95 -24.51 -12.67 -31.91
CA PRO A 95 -23.18 -12.14 -32.32
C PRO A 95 -22.14 -12.06 -31.20
N PRO A 96 -20.87 -12.23 -31.53
CA PRO A 96 -19.81 -12.05 -30.51
C PRO A 96 -19.81 -10.60 -29.95
N ALA A 97 -19.52 -10.45 -28.67
CA ALA A 97 -19.47 -9.14 -28.03
C ALA A 97 -18.49 -8.23 -28.79
N ARG A 98 -18.92 -7.00 -28.99
CA ARG A 98 -18.07 -6.00 -29.64
C ARG A 98 -17.03 -5.40 -28.72
N ALA A 99 -17.23 -5.52 -27.42
CA ALA A 99 -16.31 -4.94 -26.44
C ALA A 99 -16.34 -5.79 -25.18
N ASP A 100 -15.28 -5.74 -24.40
CA ASP A 100 -15.24 -6.29 -23.04
C ASP A 100 -16.23 -5.58 -22.13
N ALA A 101 -16.77 -6.31 -21.17
CA ALA A 101 -17.49 -5.69 -20.05
C ALA A 101 -16.62 -4.63 -19.44
N VAL A 102 -17.24 -3.60 -18.93
CA VAL A 102 -16.47 -2.54 -18.25
C VAL A 102 -15.55 -3.08 -17.16
N LEU A 103 -16.02 -4.02 -16.31
CA LEU A 103 -15.13 -4.51 -15.29
C LEU A 103 -13.88 -5.26 -15.83
N VAL A 104 -14.07 -5.98 -16.94
CA VAL A 104 -12.96 -6.61 -17.65
C VAL A 104 -11.99 -5.56 -18.19
N GLN A 105 -12.52 -4.49 -18.80
N GLN A 105 -12.52 -4.49 -18.79
CA GLN A 105 -11.69 -3.36 -19.28
CA GLN A 105 -11.70 -3.37 -19.28
C GLN A 105 -10.86 -2.75 -18.16
C GLN A 105 -10.87 -2.76 -18.16
N ARG A 106 -11.47 -2.59 -16.98
CA ARG A 106 -10.74 -2.02 -15.82
C ARG A 106 -9.64 -2.97 -15.28
N LEU A 107 -9.90 -4.28 -15.28
CA LEU A 107 -8.90 -5.23 -14.84
C LEU A 107 -7.75 -5.25 -15.84
N LYS A 108 -8.08 -5.26 -17.13
CA LYS A 108 -7.10 -5.17 -18.20
C LYS A 108 -6.18 -3.90 -18.03
N ALA A 109 -6.78 -2.74 -17.80
CA ALA A 109 -6.05 -1.47 -17.56
C ALA A 109 -5.15 -1.58 -16.35
N ALA A 110 -5.54 -2.35 -15.33
CA ALA A 110 -4.70 -2.57 -14.19
C ALA A 110 -3.58 -3.63 -14.42
N GLY A 111 -3.52 -4.22 -15.60
CA GLY A 111 -2.43 -5.12 -16.01
C GLY A 111 -2.79 -6.57 -15.90
N ALA A 112 -4.04 -6.90 -15.50
CA ALA A 112 -4.42 -8.28 -15.35
C ALA A 112 -4.58 -8.97 -16.71
N VAL A 113 -4.40 -10.27 -16.69
CA VAL A 113 -4.35 -11.13 -17.88
C VAL A 113 -5.50 -12.12 -17.91
N LEU A 114 -6.35 -12.03 -18.93
CA LEU A 114 -7.58 -12.78 -18.98
C LEU A 114 -7.38 -14.16 -19.59
N LEU A 115 -7.75 -15.19 -18.84
CA LEU A 115 -7.62 -16.57 -19.28
C LEU A 115 -8.88 -17.19 -19.84
N GLY A 116 -10.05 -16.64 -19.50
CA GLY A 116 -11.25 -17.01 -20.22
C GLY A 116 -12.53 -16.92 -19.42
N GLY A 117 -13.52 -17.69 -19.89
CA GLY A 117 -14.91 -17.61 -19.38
C GLY A 117 -15.23 -18.87 -18.57
N LEU A 118 -16.03 -18.69 -17.53
CA LEU A 118 -16.31 -19.72 -16.53
C LEU A 118 -17.78 -20.15 -16.47
N ASN A 119 -17.95 -21.43 -16.15
CA ASN A 119 -19.27 -22.09 -16.09
C ASN A 119 -20.15 -21.45 -15.00
N MET A 120 -21.47 -21.50 -15.23
CA MET A 120 -22.46 -20.94 -14.35
C MET A 120 -23.79 -21.64 -14.54
N ASP A 121 -24.68 -21.53 -13.56
CA ASP A 121 -26.07 -21.97 -13.77
C ASP A 121 -26.66 -21.12 -14.87
N GLU A 122 -27.46 -21.75 -15.72
CA GLU A 122 -28.05 -21.04 -16.88
C GLU A 122 -28.80 -19.80 -16.46
N PHE A 123 -28.44 -18.67 -17.07
CA PHE A 123 -29.08 -17.41 -16.86
C PHE A 123 -29.04 -16.94 -15.43
N ALA A 124 -28.10 -17.50 -14.65
CA ALA A 124 -27.82 -17.14 -13.29
C ALA A 124 -28.89 -17.59 -12.29
N TYR A 125 -29.87 -18.41 -12.65
CA TYR A 125 -30.92 -18.82 -11.69
C TYR A 125 -30.60 -20.17 -11.07
N GLY A 126 -29.92 -20.17 -9.96
CA GLY A 126 -29.51 -21.44 -9.28
C GLY A 126 -28.36 -21.23 -8.35
N PHE A 127 -28.22 -22.07 -7.33
CA PHE A 127 -27.10 -21.98 -6.40
C PHE A 127 -26.16 -23.15 -6.41
N THR A 128 -26.15 -23.97 -7.46
CA THR A 128 -25.33 -25.20 -7.46
C THR A 128 -24.43 -25.45 -8.67
N THR A 129 -24.56 -24.66 -9.74
CA THR A 129 -23.81 -24.83 -10.99
C THR A 129 -23.84 -26.29 -11.47
N GLU A 130 -25.04 -26.83 -11.49
CA GLU A 130 -25.34 -28.10 -12.10
C GLU A 130 -26.00 -27.81 -13.45
N ASN A 131 -25.18 -27.50 -14.42
CA ASN A 131 -25.64 -27.03 -15.70
C ASN A 131 -25.88 -28.24 -16.62
N THR A 132 -27.11 -28.40 -17.08
CA THR A 132 -27.44 -29.54 -17.97
C THR A 132 -26.69 -29.48 -19.34
N HIS A 133 -26.45 -28.31 -19.90
CA HIS A 133 -25.91 -28.19 -21.22
C HIS A 133 -24.38 -28.38 -21.15
N TYR A 134 -23.71 -27.74 -20.19
CA TYR A 134 -22.28 -27.70 -20.10
C TYR A 134 -21.66 -28.67 -19.09
N GLY A 135 -22.50 -29.34 -18.31
CA GLY A 135 -22.08 -30.20 -17.24
C GLY A 135 -21.86 -29.46 -15.92
N PRO A 136 -21.90 -30.19 -14.79
CA PRO A 136 -21.68 -29.54 -13.51
C PRO A 136 -20.26 -29.10 -13.36
N THR A 137 -20.04 -28.02 -12.60
CA THR A 137 -18.71 -27.72 -12.06
C THR A 137 -18.52 -28.49 -10.77
N ARG A 138 -17.35 -29.07 -10.56
CA ARG A 138 -17.13 -29.95 -9.40
C ARG A 138 -16.26 -29.26 -8.36
N ASN A 139 -16.57 -29.48 -7.09
CA ASN A 139 -15.80 -28.90 -6.01
C ASN A 139 -14.39 -29.49 -5.99
N PRO A 140 -13.35 -28.66 -6.08
CA PRO A 140 -11.99 -29.20 -6.04
C PRO A 140 -11.62 -29.84 -4.72
N HIS A 141 -12.28 -29.54 -3.62
CA HIS A 141 -12.00 -30.26 -2.36
C HIS A 141 -12.65 -31.64 -2.28
N ASP A 142 -13.67 -31.90 -3.12
CA ASP A 142 -14.29 -33.22 -3.21
C ASP A 142 -15.16 -33.20 -4.44
N THR A 143 -14.66 -33.86 -5.50
CA THR A 143 -15.27 -33.74 -6.79
C THR A 143 -16.60 -34.45 -6.96
N GLY A 144 -17.08 -35.18 -5.94
CA GLY A 144 -18.46 -35.65 -5.95
C GLY A 144 -19.45 -34.61 -5.38
N ARG A 145 -18.94 -33.45 -4.97
CA ARG A 145 -19.78 -32.40 -4.34
C ARG A 145 -19.86 -31.16 -5.23
N ILE A 146 -20.93 -30.40 -5.04
CA ILE A 146 -21.14 -29.16 -5.81
C ILE A 146 -20.11 -28.07 -5.44
N ALA A 147 -19.81 -27.24 -6.40
CA ALA A 147 -19.04 -26.02 -6.21
C ALA A 147 -19.91 -24.86 -5.68
N GLY A 148 -21.22 -24.99 -5.70
CA GLY A 148 -22.07 -23.88 -5.34
C GLY A 148 -22.33 -23.13 -6.63
N GLY A 149 -23.03 -22.03 -6.51
CA GLY A 149 -23.49 -21.31 -7.69
C GLY A 149 -24.24 -20.06 -7.32
N SER A 150 -24.68 -19.29 -8.31
CA SER A 150 -24.51 -19.56 -9.73
C SER A 150 -23.11 -19.31 -10.26
N SER A 151 -22.21 -18.69 -9.49
CA SER A 151 -20.82 -18.45 -9.95
C SER A 151 -19.87 -19.63 -9.59
N GLY A 152 -20.30 -20.86 -9.86
CA GLY A 152 -19.54 -22.04 -9.45
C GLY A 152 -18.17 -22.17 -10.13
N GLY A 153 -18.09 -21.85 -11.40
CA GLY A 153 -16.79 -21.82 -12.08
C GLY A 153 -15.82 -20.83 -11.43
N SER A 154 -16.33 -19.69 -10.98
CA SER A 154 -15.54 -18.64 -10.34
C SER A 154 -14.99 -19.08 -9.06
N GLY A 155 -15.74 -19.82 -8.27
CA GLY A 155 -15.21 -20.37 -7.01
C GLY A 155 -14.25 -21.55 -7.25
N ALA A 156 -14.62 -22.45 -8.14
CA ALA A 156 -13.82 -23.66 -8.38
C ALA A 156 -12.49 -23.34 -9.01
N ALA A 157 -12.45 -22.39 -9.93
CA ALA A 157 -11.17 -22.05 -10.56
C ALA A 157 -10.16 -21.59 -9.54
N ILE A 158 -10.61 -20.88 -8.51
CA ILE A 158 -9.68 -20.40 -7.49
C ILE A 158 -9.27 -21.54 -6.55
N ALA A 159 -10.22 -22.40 -6.14
CA ALA A 159 -9.91 -23.46 -5.20
C ALA A 159 -9.03 -24.53 -5.86
N ALA A 160 -9.13 -24.71 -7.15
CA ALA A 160 -8.29 -25.66 -7.89
C ALA A 160 -6.92 -25.08 -8.23
N GLY A 161 -6.60 -23.84 -7.84
CA GLY A 161 -5.34 -23.21 -8.19
C GLY A 161 -5.17 -22.82 -9.66
N GLN A 162 -6.26 -22.73 -10.44
CA GLN A 162 -6.15 -22.37 -11.87
C GLN A 162 -5.89 -20.87 -12.04
N VAL A 163 -6.62 -20.03 -11.31
CA VAL A 163 -6.36 -18.61 -11.26
C VAL A 163 -6.49 -18.10 -9.85
N PRO A 164 -5.80 -17.01 -9.53
CA PRO A 164 -5.86 -16.39 -8.21
C PRO A 164 -7.08 -15.42 -7.99
N LEU A 165 -7.75 -15.00 -9.08
CA LEU A 165 -8.82 -13.99 -9.08
C LEU A 165 -9.84 -14.42 -10.10
N SER A 166 -11.11 -14.29 -9.74
CA SER A 166 -12.14 -14.38 -10.74
C SER A 166 -13.23 -13.36 -10.50
N LEU A 167 -14.08 -13.18 -11.52
CA LEU A 167 -15.30 -12.36 -11.38
C LEU A 167 -16.53 -13.22 -11.40
N GLY A 168 -17.47 -12.89 -10.53
CA GLY A 168 -18.78 -13.50 -10.48
C GLY A 168 -19.90 -12.47 -10.41
N SER A 169 -21.12 -13.01 -10.24
CA SER A 169 -22.28 -12.19 -9.98
C SER A 169 -22.99 -12.75 -8.78
N ASP A 170 -23.71 -11.87 -8.11
CA ASP A 170 -24.45 -12.17 -6.90
C ASP A 170 -25.76 -11.36 -6.87
N THR A 171 -26.88 -12.05 -7.02
CA THR A 171 -28.16 -11.43 -6.93
C THR A 171 -28.77 -11.73 -5.57
N ASN A 172 -28.87 -13.01 -5.26
CA ASN A 172 -29.41 -13.50 -3.99
C ASN A 172 -28.41 -14.42 -3.26
N GLY A 173 -27.16 -14.41 -3.68
CA GLY A 173 -26.13 -15.23 -3.06
C GLY A 173 -25.03 -15.77 -3.94
N SER A 174 -25.05 -15.52 -5.20
CA SER A 174 -24.22 -16.26 -6.14
C SER A 174 -22.72 -16.01 -6.18
N ILE A 175 -22.20 -15.07 -5.39
CA ILE A 175 -20.78 -14.97 -5.11
C ILE A 175 -20.47 -15.62 -3.76
N ARG A 176 -21.28 -15.24 -2.78
CA ARG A 176 -21.11 -15.75 -1.43
C ARG A 176 -21.28 -17.26 -1.30
N VAL A 177 -22.21 -17.87 -2.02
CA VAL A 177 -22.43 -19.30 -1.94
C VAL A 177 -21.19 -20.12 -2.46
N PRO A 178 -20.70 -19.87 -3.69
CA PRO A 178 -19.49 -20.57 -4.10
C PRO A 178 -18.24 -20.25 -3.30
N ALA A 179 -18.10 -19.03 -2.80
CA ALA A 179 -17.01 -18.74 -1.90
C ALA A 179 -17.10 -19.65 -0.68
N SER A 180 -18.29 -19.77 -0.12
CA SER A 180 -18.51 -20.64 1.04
C SER A 180 -18.16 -22.11 0.75
N LEU A 181 -18.79 -22.64 -0.28
CA LEU A 181 -18.67 -24.01 -0.62
C LEU A 181 -17.30 -24.46 -1.17
N CYS A 182 -16.60 -23.57 -1.86
CA CYS A 182 -15.24 -23.84 -2.39
C CYS A 182 -14.11 -23.44 -1.43
N GLY A 183 -14.42 -22.76 -0.34
CA GLY A 183 -13.40 -22.32 0.53
C GLY A 183 -12.49 -21.25 -0.04
N VAL A 184 -13.07 -20.22 -0.64
CA VAL A 184 -12.29 -19.11 -1.13
C VAL A 184 -12.95 -17.81 -0.70
N TRP A 185 -12.27 -16.69 -1.01
CA TRP A 185 -12.73 -15.38 -0.59
C TRP A 185 -13.70 -14.82 -1.64
N GLY A 186 -14.73 -14.11 -1.19
CA GLY A 186 -15.61 -13.40 -2.10
C GLY A 186 -16.02 -12.05 -1.53
N LEU A 187 -16.30 -11.11 -2.44
CA LEU A 187 -16.78 -9.82 -2.11
C LEU A 187 -17.98 -9.50 -2.98
N LYS A 188 -19.10 -9.25 -2.34
CA LYS A 188 -20.29 -8.69 -3.02
C LYS A 188 -20.32 -7.27 -2.59
N PRO A 189 -19.90 -6.34 -3.45
CA PRO A 189 -19.92 -4.95 -3.06
C PRO A 189 -21.34 -4.41 -2.88
N THR A 190 -21.42 -3.18 -2.43
CA THR A 190 -22.70 -2.46 -2.29
C THR A 190 -23.46 -2.49 -3.64
N PHE A 191 -24.77 -2.66 -3.62
CA PHE A 191 -25.55 -2.51 -4.84
C PHE A 191 -25.28 -1.12 -5.44
N GLY A 192 -24.89 -1.09 -6.69
CA GLY A 192 -24.60 0.15 -7.42
C GLY A 192 -23.18 0.63 -7.32
N ARG A 193 -22.29 -0.13 -6.71
CA ARG A 193 -20.89 0.23 -6.65
C ARG A 193 -20.14 0.00 -7.97
N LEU A 194 -20.23 -1.24 -8.48
CA LEU A 194 -19.48 -1.66 -9.64
C LEU A 194 -20.38 -1.76 -10.88
N SER A 195 -19.86 -1.21 -11.98
CA SER A 195 -20.63 -1.07 -13.24
C SER A 195 -21.03 -2.43 -13.77
N ARG A 196 -22.27 -2.52 -14.18
CA ARG A 196 -22.81 -3.77 -14.72
C ARG A 196 -22.78 -3.77 -16.27
N ARG A 197 -22.26 -2.71 -16.87
CA ARG A 197 -22.28 -2.57 -18.31
C ARG A 197 -21.40 -3.64 -19.04
N GLY A 198 -22.01 -4.20 -20.08
CA GLY A 198 -21.43 -5.32 -20.83
C GLY A 198 -21.59 -6.67 -20.14
N THR A 199 -22.57 -6.84 -19.27
CA THR A 199 -22.87 -8.13 -18.69
C THR A 199 -24.32 -8.56 -18.99
N TYR A 200 -24.52 -9.87 -19.04
CA TYR A 200 -25.86 -10.40 -19.30
C TYR A 200 -26.66 -10.40 -17.97
N PRO A 201 -27.78 -9.70 -17.92
CA PRO A 201 -28.49 -9.52 -16.66
C PRO A 201 -29.44 -10.66 -16.26
N PHE A 202 -29.83 -10.61 -15.00
CA PHE A 202 -30.76 -11.60 -14.44
C PHE A 202 -31.91 -10.80 -13.83
N VAL A 203 -31.64 -10.06 -12.77
CA VAL A 203 -32.64 -9.23 -12.07
C VAL A 203 -32.09 -7.82 -12.03
N HIS A 204 -32.61 -6.94 -12.86
CA HIS A 204 -32.13 -5.56 -12.91
C HIS A 204 -32.17 -4.88 -11.51
N SER A 205 -33.20 -5.18 -10.75
CA SER A 205 -33.37 -4.57 -9.42
C SER A 205 -32.40 -5.10 -8.33
N ILE A 206 -31.69 -6.21 -8.57
CA ILE A 206 -30.89 -6.84 -7.51
C ILE A 206 -29.50 -7.32 -7.89
N ASP A 207 -29.16 -7.46 -9.17
CA ASP A 207 -27.84 -8.00 -9.55
C ASP A 207 -26.69 -7.18 -9.05
N HIS A 208 -25.68 -7.83 -8.48
CA HIS A 208 -24.40 -7.23 -8.10
C HIS A 208 -23.26 -8.01 -8.80
N LEU A 209 -22.13 -7.36 -9.07
CA LEU A 209 -20.96 -8.02 -9.62
C LEU A 209 -19.81 -7.82 -8.69
N GLY A 210 -18.88 -8.78 -8.67
CA GLY A 210 -17.75 -8.70 -7.75
C GLY A 210 -16.74 -9.82 -7.89
N PRO A 211 -15.60 -9.67 -7.20
CA PRO A 211 -14.50 -10.61 -7.31
C PRO A 211 -14.59 -11.74 -6.29
N LEU A 212 -13.99 -12.86 -6.66
CA LEU A 212 -13.60 -13.92 -5.75
C LEU A 212 -12.08 -14.05 -5.86
N ALA A 213 -11.43 -14.51 -4.80
CA ALA A 213 -9.97 -14.49 -4.79
C ALA A 213 -9.37 -15.45 -3.81
N ASP A 214 -8.06 -15.63 -3.97
CA ASP A 214 -7.27 -16.54 -3.14
C ASP A 214 -6.83 -15.94 -1.82
N SER A 215 -7.19 -14.68 -1.57
CA SER A 215 -6.76 -13.98 -0.37
C SER A 215 -7.60 -12.72 -0.25
N VAL A 216 -7.66 -12.17 0.95
CA VAL A 216 -8.38 -10.93 1.12
C VAL A 216 -7.71 -9.72 0.42
N GLU A 217 -6.38 -9.74 0.30
CA GLU A 217 -5.66 -8.74 -0.48
C GLU A 217 -6.07 -8.79 -1.93
N GLY A 218 -6.25 -10.02 -2.46
CA GLY A 218 -6.77 -10.22 -3.83
C GLY A 218 -8.10 -9.52 -4.04
N LEU A 219 -9.03 -9.69 -3.07
CA LEU A 219 -10.29 -8.99 -3.15
C LEU A 219 -10.10 -7.49 -3.22
N ALA A 220 -9.28 -6.95 -2.31
CA ALA A 220 -9.12 -5.49 -2.18
C ALA A 220 -8.49 -4.88 -3.41
N LEU A 221 -7.46 -5.55 -3.93
CA LEU A 221 -6.74 -5.05 -5.12
C LEU A 221 -7.65 -5.04 -6.34
N ALA A 222 -8.45 -6.11 -6.51
CA ALA A 222 -9.31 -6.25 -7.68
C ALA A 222 -10.46 -5.24 -7.59
N TYR A 223 -11.05 -5.16 -6.40
CA TYR A 223 -12.10 -4.17 -6.09
C TYR A 223 -11.61 -2.75 -6.38
N ASP A 224 -10.46 -2.37 -5.86
CA ASP A 224 -9.91 -1.00 -6.19
C ASP A 224 -9.71 -0.73 -7.68
N ALA A 225 -9.21 -1.73 -8.40
CA ALA A 225 -9.04 -1.62 -9.83
C ALA A 225 -10.34 -1.42 -10.62
N MET A 226 -11.42 -2.02 -10.12
CA MET A 226 -12.71 -2.03 -10.79
C MET A 226 -13.65 -0.82 -10.47
N GLN A 227 -13.34 -0.13 -9.39
CA GLN A 227 -14.17 0.97 -8.89
C GLN A 227 -14.19 2.18 -9.83
N GLY A 228 -15.29 2.92 -9.82
CA GLY A 228 -15.36 4.17 -10.56
C GLY A 228 -16.74 4.35 -11.17
N PRO A 229 -17.19 5.61 -11.26
CA PRO A 229 -18.46 5.89 -11.93
C PRO A 229 -18.47 5.45 -13.37
N ASP A 230 -19.65 5.12 -13.88
CA ASP A 230 -19.85 4.80 -15.26
C ASP A 230 -21.20 5.41 -15.63
N PRO A 231 -21.20 6.65 -16.17
CA PRO A 231 -22.47 7.32 -16.56
C PRO A 231 -23.27 6.54 -17.61
N LEU A 232 -22.66 5.62 -18.36
CA LEU A 232 -23.45 4.81 -19.28
C LEU A 232 -24.13 3.61 -18.61
N ASP A 233 -23.95 3.39 -17.29
CA ASP A 233 -24.52 2.23 -16.61
C ASP A 233 -25.69 2.70 -15.74
N PRO A 234 -26.92 2.30 -16.07
CA PRO A 234 -28.08 2.75 -15.30
C PRO A 234 -28.07 2.44 -13.80
N GLY A 235 -27.57 1.28 -13.42
CA GLY A 235 -27.49 0.89 -12.03
C GLY A 235 -26.43 1.51 -11.12
N CSO A 236 -25.43 2.17 -11.68
CA CSO A 236 -24.31 2.70 -10.89
CB CSO A 236 -23.14 3.01 -11.83
SG CSO A 236 -21.69 3.65 -10.99
C CSO A 236 -24.67 3.94 -10.11
O CSO A 236 -25.22 4.86 -10.65
OD CSO A 236 -20.64 2.28 -11.18
N SER A 237 -24.34 3.95 -8.82
CA SER A 237 -24.58 5.10 -7.94
C SER A 237 -23.33 5.65 -7.31
N ALA A 238 -22.19 5.06 -7.60
CA ALA A 238 -20.97 5.45 -6.88
C ALA A 238 -20.38 6.62 -7.65
N SER A 239 -20.19 7.75 -7.01
CA SER A 239 -19.73 8.92 -7.76
C SER A 239 -18.21 9.12 -7.66
N ARG A 240 -17.54 8.40 -6.77
N ARG A 240 -17.54 8.41 -6.77
CA ARG A 240 -16.07 8.44 -6.77
CA ARG A 240 -16.07 8.44 -6.79
C ARG A 240 -15.47 7.14 -6.26
C ARG A 240 -15.46 7.15 -6.26
N ILE A 241 -14.16 7.02 -6.48
CA ILE A 241 -13.40 5.89 -6.00
C ILE A 241 -13.08 6.05 -4.50
N GLN A 242 -13.28 4.99 -3.71
CA GLN A 242 -12.97 4.97 -2.27
C GLN A 242 -12.02 3.78 -2.05
N PRO A 243 -10.71 4.03 -2.13
CA PRO A 243 -9.77 2.88 -2.13
C PRO A 243 -9.80 2.08 -0.82
N SER A 244 -9.82 0.76 -0.90
CA SER A 244 -9.77 -0.10 0.26
C SER A 244 -8.35 -0.61 0.60
N VAL A 245 -7.47 -0.71 -0.39
CA VAL A 245 -6.15 -1.30 -0.18
C VAL A 245 -5.33 -0.54 0.89
N PRO A 246 -5.32 0.81 0.88
CA PRO A 246 -4.49 1.53 1.88
C PRO A 246 -4.88 1.30 3.33
N VAL A 247 -6.13 0.93 3.59
CA VAL A 247 -6.57 0.75 4.98
C VAL A 247 -6.84 -0.69 5.34
N LEU A 248 -6.50 -1.62 4.45
CA LEU A 248 -6.85 -3.03 4.65
C LEU A 248 -6.34 -3.60 5.98
N SER A 249 -5.17 -3.10 6.41
CA SER A 249 -4.55 -3.55 7.65
C SER A 249 -4.80 -2.65 8.85
N GLN A 250 -5.74 -1.74 8.77
CA GLN A 250 -6.06 -0.83 9.87
C GLN A 250 -6.62 -1.56 11.10
N GLY A 251 -7.23 -2.74 10.93
CA GLY A 251 -7.80 -3.46 12.09
C GLY A 251 -9.21 -2.98 12.43
N ILE A 252 -9.72 -3.48 13.55
CA ILE A 252 -11.12 -3.33 13.92
C ILE A 252 -11.27 -2.69 15.29
N ALA A 253 -10.21 -2.03 15.82
CA ALA A 253 -10.30 -1.38 17.14
C ALA A 253 -11.44 -0.39 17.15
N GLY A 254 -12.32 -0.48 18.15
CA GLY A 254 -13.40 0.48 18.33
C GLY A 254 -14.65 0.27 17.49
N LEU A 255 -14.65 -0.73 16.60
CA LEU A 255 -15.82 -1.05 15.82
C LEU A 255 -16.83 -1.80 16.64
N ARG A 256 -18.10 -1.59 16.36
CA ARG A 256 -19.17 -2.34 16.99
C ARG A 256 -19.56 -3.54 16.09
N ILE A 257 -19.26 -4.75 16.58
CA ILE A 257 -19.42 -5.96 15.76
C ILE A 257 -20.40 -6.87 16.46
N GLY A 258 -21.43 -7.30 15.75
CA GLY A 258 -22.42 -8.20 16.28
C GLY A 258 -22.63 -9.47 15.48
N VAL A 259 -23.28 -10.42 16.13
CA VAL A 259 -23.61 -11.71 15.55
C VAL A 259 -25.11 -11.79 15.31
N LEU A 260 -25.54 -12.11 14.07
CA LEU A 260 -26.97 -12.15 13.76
C LEU A 260 -27.60 -13.37 14.37
N GLY A 261 -28.79 -13.22 14.95
CA GLY A 261 -29.53 -14.33 15.49
C GLY A 261 -30.78 -14.57 14.69
N GLY A 262 -31.75 -15.19 15.35
CA GLY A 262 -33.06 -15.53 14.79
C GLY A 262 -32.95 -16.31 13.49
N TRP A 263 -33.42 -15.72 12.38
CA TRP A 263 -33.36 -16.36 11.04
C TRP A 263 -31.97 -16.93 10.74
N PHE A 264 -30.95 -16.18 11.08
CA PHE A 264 -29.58 -16.53 10.77
C PHE A 264 -28.96 -17.60 11.70
N ARG A 265 -29.65 -17.93 12.78
CA ARG A 265 -29.32 -19.11 13.59
C ARG A 265 -30.20 -20.31 13.28
N ASP A 266 -31.51 -20.07 13.17
CA ASP A 266 -32.50 -21.10 12.83
C ASP A 266 -32.22 -21.80 11.50
N ASN A 267 -31.66 -21.07 10.51
CA ASN A 267 -31.35 -21.65 9.22
C ASN A 267 -29.85 -22.02 9.05
N ALA A 268 -29.15 -22.20 10.15
CA ALA A 268 -27.75 -22.55 10.12
C ALA A 268 -27.55 -23.90 10.79
N GLY A 269 -26.97 -24.84 10.08
CA GLY A 269 -26.61 -26.12 10.66
C GLY A 269 -25.45 -26.02 11.65
N PRO A 270 -25.10 -27.14 12.29
CA PRO A 270 -24.06 -27.10 13.36
C PRO A 270 -22.69 -26.60 12.88
N ALA A 271 -22.24 -27.03 11.71
CA ALA A 271 -20.98 -26.47 11.18
C ALA A 271 -21.00 -24.97 10.87
N ALA A 272 -22.12 -24.50 10.31
CA ALA A 272 -22.32 -23.05 10.03
C ALA A 272 -22.29 -22.23 11.35
N ARG A 273 -22.97 -22.74 12.36
CA ARG A 273 -22.94 -22.10 13.71
C ARG A 273 -21.54 -22.05 14.33
N ALA A 274 -20.77 -23.11 14.15
CA ALA A 274 -19.39 -23.17 14.70
C ALA A 274 -18.47 -22.20 13.98
N ALA A 275 -18.65 -22.08 12.66
CA ALA A 275 -17.89 -21.11 11.93
C ALA A 275 -18.19 -19.68 12.43
N VAL A 276 -19.47 -19.35 12.63
CA VAL A 276 -19.80 -18.01 13.09
C VAL A 276 -19.20 -17.77 14.49
N ASP A 277 -19.35 -18.76 15.35
CA ASP A 277 -18.81 -18.67 16.74
C ASP A 277 -17.33 -18.39 16.77
N VAL A 278 -16.54 -19.10 15.96
N VAL A 278 -16.54 -19.10 15.96
CA VAL A 278 -15.10 -18.84 15.96
CA VAL A 278 -15.10 -18.85 15.96
C VAL A 278 -14.76 -17.52 15.35
C VAL A 278 -14.76 -17.52 15.35
N ALA A 279 -15.46 -17.14 14.29
CA ALA A 279 -15.23 -15.80 13.69
C ALA A 279 -15.58 -14.67 14.69
N ALA A 280 -16.70 -14.83 15.37
CA ALA A 280 -17.17 -13.88 16.43
C ALA A 280 -16.15 -13.70 17.57
N LEU A 281 -15.66 -14.82 18.09
N LEU A 281 -15.67 -14.81 18.09
CA LEU A 281 -14.59 -14.81 19.11
CA LEU A 281 -14.61 -14.78 19.12
C LEU A 281 -13.35 -14.05 18.63
C LEU A 281 -13.35 -14.06 18.64
N THR A 282 -12.90 -14.36 17.42
CA THR A 282 -11.73 -13.68 16.87
C THR A 282 -11.94 -12.19 16.69
N LEU A 283 -13.15 -11.79 16.26
CA LEU A 283 -13.48 -10.39 16.05
C LEU A 283 -14.00 -9.64 17.27
N GLY A 284 -14.09 -10.31 18.41
CA GLY A 284 -14.61 -9.68 19.64
C GLY A 284 -16.08 -9.32 19.60
N ALA A 285 -16.87 -10.07 18.83
CA ALA A 285 -18.31 -9.85 18.77
C ALA A 285 -18.97 -10.79 19.72
N SER A 286 -19.77 -10.26 20.65
CA SER A 286 -20.49 -11.12 21.62
C SER A 286 -21.98 -10.91 21.66
N GLU A 287 -22.46 -9.71 21.29
CA GLU A 287 -23.88 -9.43 21.24
C GLU A 287 -24.59 -10.10 20.06
N VAL A 288 -25.74 -10.69 20.34
CA VAL A 288 -26.62 -11.26 19.33
C VAL A 288 -27.58 -10.12 18.88
N VAL A 289 -27.70 -9.91 17.59
CA VAL A 289 -28.45 -8.81 17.01
C VAL A 289 -29.53 -9.42 16.07
N MET A 290 -30.75 -8.89 16.11
CA MET A 290 -31.80 -9.32 15.16
C MET A 290 -31.78 -8.43 13.92
N TRP A 291 -31.73 -9.05 12.76
CA TRP A 291 -31.85 -8.35 11.47
C TRP A 291 -33.34 -8.09 11.29
N PRO A 292 -33.73 -6.88 10.88
CA PRO A 292 -35.17 -6.65 10.70
C PRO A 292 -35.85 -7.49 9.56
N ASP A 293 -36.94 -8.15 9.89
CA ASP A 293 -37.80 -8.79 8.91
C ASP A 293 -37.04 -9.70 7.95
N ALA A 294 -36.16 -10.53 8.45
CA ALA A 294 -35.21 -11.25 7.54
C ALA A 294 -35.94 -12.22 6.62
N GLU A 295 -36.88 -12.97 7.18
CA GLU A 295 -37.60 -13.95 6.41
C GLU A 295 -38.46 -13.25 5.31
N ILE A 296 -38.99 -12.07 5.62
CA ILE A 296 -39.84 -11.33 4.66
C ILE A 296 -38.93 -10.69 3.62
N GLY A 297 -37.72 -10.25 4.03
CA GLY A 297 -36.70 -9.75 3.12
C GLY A 297 -36.36 -10.82 2.06
N ARG A 298 -36.18 -12.07 2.49
CA ARG A 298 -35.98 -13.15 1.58
C ARG A 298 -37.18 -13.33 0.62
N ALA A 299 -38.38 -13.28 1.20
CA ALA A 299 -39.58 -13.48 0.46
C ALA A 299 -39.72 -12.45 -0.68
N ALA A 300 -39.51 -11.19 -0.34
CA ALA A 300 -39.60 -10.12 -1.31
C ALA A 300 -38.53 -10.23 -2.39
N ALA A 301 -37.29 -10.56 -2.01
CA ALA A 301 -36.24 -10.80 -2.97
C ALA A 301 -36.63 -11.92 -3.95
N PHE A 302 -37.22 -12.96 -3.40
CA PHE A 302 -37.59 -14.15 -4.15
C PHE A 302 -38.63 -13.81 -5.18
N VAL A 303 -39.64 -13.06 -4.76
CA VAL A 303 -40.73 -12.62 -5.62
C VAL A 303 -40.25 -11.76 -6.76
N ILE A 304 -39.45 -10.76 -6.47
CA ILE A 304 -38.93 -9.84 -7.48
C ILE A 304 -38.01 -10.57 -8.47
N THR A 305 -37.20 -11.46 -7.95
CA THR A 305 -36.24 -12.24 -8.74
C THR A 305 -36.99 -13.07 -9.78
N ALA A 306 -37.99 -13.83 -9.33
CA ALA A 306 -38.67 -14.73 -10.22
C ALA A 306 -39.41 -13.98 -11.34
N SER A 307 -40.12 -12.91 -11.00
CA SER A 307 -40.83 -12.17 -12.02
C SER A 307 -39.89 -11.41 -12.98
N GLU A 308 -38.91 -10.69 -12.45
CA GLU A 308 -38.03 -9.92 -13.31
C GLU A 308 -37.16 -10.89 -14.17
N GLY A 309 -36.60 -11.96 -13.58
CA GLY A 309 -35.81 -12.92 -14.39
C GLY A 309 -36.67 -13.69 -15.40
N GLY A 310 -37.84 -14.17 -14.98
CA GLY A 310 -38.72 -14.84 -15.92
C GLY A 310 -39.18 -13.97 -17.05
N CYS A 311 -39.66 -12.75 -16.74
CA CYS A 311 -40.15 -11.87 -17.78
C CYS A 311 -39.08 -11.42 -18.73
N LEU A 312 -37.85 -11.29 -18.26
CA LEU A 312 -36.73 -10.98 -19.12
C LEU A 312 -36.61 -11.98 -20.29
N HIS A 313 -36.99 -13.24 -20.05
CA HIS A 313 -36.84 -14.31 -21.05
C HIS A 313 -38.18 -14.72 -21.66
N LEU A 314 -39.20 -13.86 -21.56
CA LEU A 314 -40.53 -14.26 -21.98
C LEU A 314 -40.62 -14.66 -23.47
N ASP A 315 -39.93 -13.90 -24.33
CA ASP A 315 -40.00 -14.13 -25.76
C ASP A 315 -39.46 -15.51 -26.10
N ASP A 316 -38.34 -15.90 -25.49
CA ASP A 316 -37.81 -17.23 -25.63
C ASP A 316 -38.62 -18.31 -24.93
N LEU A 317 -39.26 -18.02 -23.81
CA LEU A 317 -40.13 -19.02 -23.19
C LEU A 317 -41.33 -19.32 -24.07
N ARG A 318 -41.77 -18.35 -24.87
CA ARG A 318 -42.90 -18.57 -25.74
C ARG A 318 -42.53 -19.47 -26.96
N ILE A 319 -41.37 -19.27 -27.54
CA ILE A 319 -41.03 -19.88 -28.80
C ILE A 319 -40.10 -21.11 -28.67
N ARG A 320 -39.26 -21.16 -27.63
CA ARG A 320 -38.32 -22.26 -27.43
C ARG A 320 -38.08 -22.69 -26.01
N PRO A 321 -39.16 -23.03 -25.31
CA PRO A 321 -39.02 -23.40 -23.90
C PRO A 321 -38.14 -24.67 -23.68
N GLN A 322 -38.16 -25.55 -24.68
CA GLN A 322 -37.37 -26.79 -24.62
C GLN A 322 -35.86 -26.57 -24.66
N ASP A 323 -35.43 -25.39 -25.10
CA ASP A 323 -34.02 -25.04 -25.11
C ASP A 323 -33.46 -24.44 -23.83
N PHE A 324 -34.33 -24.23 -22.83
CA PHE A 324 -33.84 -23.81 -21.51
C PHE A 324 -33.28 -25.00 -20.71
N GLU A 325 -32.56 -24.68 -19.65
CA GLU A 325 -32.15 -25.59 -18.58
C GLU A 325 -33.39 -26.23 -17.94
N PRO A 326 -33.55 -27.55 -18.10
CA PRO A 326 -34.79 -28.20 -17.50
C PRO A 326 -34.91 -28.06 -16.00
N LEU A 327 -33.80 -27.87 -15.27
CA LEU A 327 -33.89 -27.64 -13.80
C LEU A 327 -34.39 -26.29 -13.38
N SER A 328 -34.47 -25.32 -14.27
CA SER A 328 -34.94 -24.01 -13.84
C SER A 328 -36.01 -23.44 -14.72
N VAL A 329 -36.27 -24.03 -15.89
CA VAL A 329 -37.25 -23.43 -16.78
C VAL A 329 -38.65 -23.30 -16.14
N ASP A 330 -39.04 -24.28 -15.31
CA ASP A 330 -40.33 -24.22 -14.63
C ASP A 330 -40.38 -23.15 -13.54
N ARG A 331 -39.21 -22.79 -13.02
CA ARG A 331 -39.11 -21.70 -12.07
C ARG A 331 -39.23 -20.36 -12.77
N PHE A 332 -38.65 -20.23 -13.95
CA PHE A 332 -38.83 -19.04 -14.76
C PHE A 332 -40.30 -18.88 -15.14
N ILE A 333 -40.93 -19.97 -15.56
CA ILE A 333 -42.33 -19.91 -15.97
C ILE A 333 -43.20 -19.50 -14.75
N SER A 334 -43.00 -20.14 -13.61
CA SER A 334 -43.69 -19.72 -12.40
C SER A 334 -43.57 -18.25 -12.13
N GLY A 335 -42.35 -17.74 -12.26
CA GLY A 335 -42.09 -16.29 -12.09
C GLY A 335 -42.93 -15.41 -13.00
N VAL A 336 -43.06 -15.80 -14.26
CA VAL A 336 -43.90 -15.05 -15.25
C VAL A 336 -45.37 -15.04 -14.85
N LEU A 337 -45.83 -16.13 -14.21
CA LEU A 337 -47.25 -16.27 -13.84
C LEU A 337 -47.62 -15.59 -12.50
N GLN A 338 -46.68 -14.97 -11.82
CA GLN A 338 -46.93 -14.40 -10.50
C GLN A 338 -47.84 -13.19 -10.63
N PRO A 339 -48.91 -13.13 -9.82
CA PRO A 339 -49.70 -11.87 -9.76
C PRO A 339 -48.83 -10.58 -9.63
N VAL A 340 -49.17 -9.56 -10.37
CA VAL A 340 -48.53 -8.27 -10.32
C VAL A 340 -48.68 -7.66 -8.91
N ALA A 341 -49.74 -8.00 -8.17
CA ALA A 341 -49.82 -7.51 -6.79
C ALA A 341 -48.63 -7.94 -5.90
N TRP A 342 -48.10 -9.15 -6.16
CA TRP A 342 -47.00 -9.66 -5.30
C TRP A 342 -45.76 -8.83 -5.59
N TYR A 343 -45.54 -8.56 -6.90
CA TYR A 343 -44.35 -7.75 -7.30
C TYR A 343 -44.42 -6.35 -6.67
N LEU A 344 -45.56 -5.68 -6.84
CA LEU A 344 -45.71 -4.30 -6.32
C LEU A 344 -45.56 -4.23 -4.79
N ARG A 345 -46.17 -5.21 -4.12
CA ARG A 345 -46.02 -5.26 -2.69
C ARG A 345 -44.59 -5.46 -2.23
N ALA A 346 -43.83 -6.31 -2.93
CA ALA A 346 -42.42 -6.47 -2.67
C ALA A 346 -41.59 -5.23 -2.89
N GLN A 347 -41.88 -4.50 -3.96
CA GLN A 347 -41.21 -3.22 -4.20
C GLN A 347 -41.56 -2.11 -3.13
N ARG A 348 -42.78 -2.15 -2.62
CA ARG A 348 -43.19 -1.20 -1.58
C ARG A 348 -42.59 -1.60 -0.24
N PHE A 349 -42.56 -2.90 0.05
CA PHE A 349 -41.88 -3.42 1.21
C PHE A 349 -40.40 -3.07 1.17
N ARG A 350 -39.79 -3.11 0.00
CA ARG A 350 -38.36 -2.86 -0.09
C ARG A 350 -37.97 -1.45 0.44
N ARG A 351 -38.82 -0.43 0.25
CA ARG A 351 -38.61 0.89 0.85
C ARG A 351 -38.54 0.82 2.38
N VAL A 352 -39.47 0.12 2.96
CA VAL A 352 -39.55 -0.06 4.44
C VAL A 352 -38.32 -0.81 4.91
N TYR A 353 -37.95 -1.87 4.20
CA TYR A 353 -36.79 -2.70 4.50
C TYR A 353 -35.52 -1.91 4.45
N ARG A 354 -35.32 -1.13 3.37
CA ARG A 354 -34.14 -0.26 3.24
C ARG A 354 -34.04 0.67 4.46
N ASP A 355 -35.14 1.30 4.82
CA ASP A 355 -35.15 2.18 6.00
C ASP A 355 -34.73 1.41 7.27
N LYS A 356 -35.25 0.20 7.47
CA LYS A 356 -34.96 -0.57 8.69
C LYS A 356 -33.53 -1.07 8.74
N VAL A 357 -33.01 -1.52 7.59
CA VAL A 357 -31.63 -1.95 7.52
C VAL A 357 -30.64 -0.79 7.73
N ASN A 358 -30.84 0.34 7.06
CA ASN A 358 -30.01 1.53 7.30
C ASN A 358 -30.06 1.99 8.78
N ALA A 359 -31.22 1.87 9.40
CA ALA A 359 -31.37 2.21 10.81
C ALA A 359 -30.61 1.25 11.72
N LEU A 360 -30.66 -0.04 11.42
CA LEU A 360 -29.91 -1.07 12.14
C LEU A 360 -28.42 -0.75 12.13
N PHE A 361 -27.88 -0.34 10.96
CA PHE A 361 -26.48 0.02 10.86
C PHE A 361 -26.05 1.37 11.46
N ARG A 362 -26.98 2.15 11.98
CA ARG A 362 -26.62 3.27 12.85
C ARG A 362 -26.07 2.80 14.19
N ASP A 363 -26.31 1.56 14.60
CA ASP A 363 -25.89 1.03 15.87
C ASP A 363 -24.74 0.00 15.71
N TRP A 364 -24.37 -0.40 14.48
CA TRP A 364 -23.45 -1.52 14.27
C TRP A 364 -22.56 -1.17 13.11
N ASP A 365 -21.27 -1.57 13.19
CA ASP A 365 -20.33 -1.39 12.08
C ASP A 365 -20.26 -2.65 11.18
N ILE A 366 -20.20 -3.82 11.80
CA ILE A 366 -20.13 -5.12 11.10
C ILE A 366 -21.08 -6.11 11.78
N LEU A 367 -21.79 -6.90 10.99
CA LEU A 367 -22.62 -8.00 11.50
C LEU A 367 -22.19 -9.29 10.85
N ILE A 368 -22.19 -10.38 11.62
CA ILE A 368 -21.69 -11.66 11.18
C ILE A 368 -22.81 -12.70 11.05
N ALA A 369 -22.78 -13.41 9.95
CA ALA A 369 -23.68 -14.53 9.71
C ALA A 369 -22.98 -15.62 8.94
N PRO A 370 -23.57 -16.82 8.90
CA PRO A 370 -22.99 -17.82 8.02
C PRO A 370 -23.36 -17.52 6.59
N ALA A 371 -22.54 -17.97 5.66
CA ALA A 371 -22.81 -17.81 4.23
C ALA A 371 -23.77 -18.83 3.66
N THR A 372 -23.70 -20.07 4.12
CA THR A 372 -24.58 -21.13 3.65
C THR A 372 -25.01 -21.96 4.86
N PRO A 373 -26.18 -22.62 4.80
CA PRO A 373 -26.68 -23.38 5.97
C PRO A 373 -25.84 -24.62 6.28
N ILE A 374 -25.24 -25.21 5.24
CA ILE A 374 -24.39 -26.36 5.32
C ILE A 374 -23.23 -26.24 4.29
N SER A 375 -22.25 -27.13 4.40
N SER A 375 -22.25 -27.12 4.39
CA SER A 375 -21.19 -27.26 3.39
CA SER A 375 -21.19 -27.23 3.38
C SER A 375 -21.69 -28.00 2.15
C SER A 375 -21.69 -27.99 2.15
N ALA A 376 -20.85 -28.12 1.13
CA ALA A 376 -21.27 -28.58 -0.16
C ALA A 376 -21.95 -29.96 -0.14
N PRO A 377 -23.22 -30.05 -0.61
CA PRO A 377 -23.83 -31.35 -0.75
C PRO A 377 -23.35 -32.09 -2.01
N ALA A 378 -23.70 -33.36 -2.10
CA ALA A 378 -23.37 -34.18 -3.29
C ALA A 378 -24.05 -33.59 -4.54
N ILE A 379 -23.36 -33.69 -5.66
CA ILE A 379 -23.94 -33.42 -6.95
C ILE A 379 -25.16 -34.31 -7.11
N GLY A 380 -26.29 -33.74 -7.57
CA GLY A 380 -27.54 -34.49 -7.72
C GLY A 380 -28.47 -34.51 -6.53
N THR A 381 -28.15 -33.72 -5.49
CA THR A 381 -28.97 -33.68 -4.26
C THR A 381 -30.23 -32.90 -4.55
N GLU A 382 -31.38 -33.49 -4.23
CA GLU A 382 -32.65 -32.83 -4.36
C GLU A 382 -33.15 -32.11 -3.10
N TRP A 383 -32.89 -32.72 -1.95
CA TRP A 383 -33.41 -32.25 -0.65
C TRP A 383 -32.29 -32.19 0.36
N ILE A 384 -32.25 -31.13 1.17
CA ILE A 384 -31.32 -31.07 2.33
C ILE A 384 -32.09 -30.91 3.62
N GLU A 385 -31.46 -31.22 4.73
CA GLU A 385 -32.08 -31.06 6.03
C GLU A 385 -31.27 -30.03 6.83
N VAL A 386 -31.95 -29.04 7.36
CA VAL A 386 -31.32 -27.99 8.17
C VAL A 386 -32.04 -27.92 9.51
N ASN A 387 -31.36 -28.36 10.57
CA ASN A 387 -31.93 -28.42 11.94
C ASN A 387 -33.34 -29.05 11.95
N GLY A 388 -33.42 -30.21 11.32
CA GLY A 388 -34.66 -30.95 11.23
C GLY A 388 -35.69 -30.51 10.22
N THR A 389 -35.46 -29.40 9.49
CA THR A 389 -36.40 -29.01 8.44
C THR A 389 -35.86 -29.32 7.04
N ARG A 390 -36.69 -30.02 6.27
CA ARG A 390 -36.36 -30.35 4.89
C ARG A 390 -36.55 -29.12 3.96
N HIS A 391 -35.63 -28.92 3.02
CA HIS A 391 -35.75 -27.89 1.99
C HIS A 391 -35.33 -28.49 0.66
N PRO A 392 -35.90 -28.01 -0.46
CA PRO A 392 -35.27 -28.26 -1.75
C PRO A 392 -33.84 -27.69 -1.72
N CYS A 393 -32.88 -28.50 -2.15
CA CYS A 393 -31.47 -28.16 -2.08
C CYS A 393 -31.14 -26.87 -2.83
N ARG A 394 -31.59 -26.75 -4.07
CA ARG A 394 -31.19 -25.68 -4.95
C ARG A 394 -31.56 -24.30 -4.37
N PRO A 395 -32.82 -24.02 -4.03
CA PRO A 395 -33.12 -22.72 -3.36
C PRO A 395 -32.52 -22.55 -1.97
N ALA A 396 -32.44 -23.65 -1.23
CA ALA A 396 -32.00 -23.58 0.18
C ALA A 396 -30.60 -23.06 0.40
N MET A 397 -29.68 -23.28 -0.55
CA MET A 397 -28.30 -22.82 -0.42
C MET A 397 -28.23 -21.29 -0.15
N GLY A 398 -29.25 -20.54 -0.60
CA GLY A 398 -29.26 -19.06 -0.41
C GLY A 398 -30.10 -18.51 0.73
N LEU A 399 -30.56 -19.38 1.60
CA LEU A 399 -31.40 -18.94 2.73
C LEU A 399 -30.81 -17.76 3.57
N LEU A 400 -29.51 -17.81 3.81
CA LEU A 400 -28.78 -16.86 4.62
C LEU A 400 -28.23 -15.64 3.83
N THR A 401 -28.09 -15.80 2.52
CA THR A 401 -27.54 -14.74 1.67
C THR A 401 -28.64 -13.79 1.18
N GLN A 402 -29.80 -14.36 0.87
CA GLN A 402 -30.86 -13.65 0.16
C GLN A 402 -31.42 -12.40 0.88
N PRO A 403 -31.59 -12.43 2.20
CA PRO A 403 -32.07 -11.18 2.88
C PRO A 403 -31.07 -10.01 2.79
N VAL A 404 -29.80 -10.30 2.70
CA VAL A 404 -28.76 -9.28 2.80
C VAL A 404 -28.51 -8.53 1.49
N SER A 405 -28.43 -9.26 0.39
CA SER A 405 -28.34 -8.65 -0.93
C SER A 405 -29.59 -7.83 -1.30
N PHE A 406 -30.74 -8.11 -0.69
CA PHE A 406 -31.95 -7.39 -1.02
C PHE A 406 -31.89 -5.91 -0.57
N ALA A 407 -31.21 -5.71 0.57
CA ALA A 407 -30.86 -4.39 1.06
C ALA A 407 -29.64 -3.81 0.38
N GLY A 408 -28.83 -4.63 -0.31
CA GLY A 408 -27.70 -4.11 -1.10
C GLY A 408 -26.47 -3.82 -0.25
N CYS A 409 -26.39 -4.39 0.98
CA CYS A 409 -25.27 -4.16 1.87
C CYS A 409 -24.03 -4.90 1.37
N PRO A 410 -22.85 -4.33 1.48
CA PRO A 410 -21.67 -5.06 1.07
C PRO A 410 -21.31 -6.21 2.03
N VAL A 411 -20.69 -7.27 1.49
CA VAL A 411 -20.38 -8.50 2.23
C VAL A 411 -19.08 -9.07 1.77
N VAL A 412 -18.19 -9.40 2.71
CA VAL A 412 -17.02 -10.27 2.41
C VAL A 412 -17.39 -11.64 2.95
N ALA A 413 -17.19 -12.62 2.08
CA ALA A 413 -17.35 -14.03 2.43
C ALA A 413 -15.96 -14.62 2.72
N ALA A 414 -15.71 -14.91 3.98
CA ALA A 414 -14.43 -15.37 4.47
C ALA A 414 -14.45 -16.91 4.65
N PRO A 415 -13.49 -17.63 4.06
CA PRO A 415 -13.50 -19.10 4.07
C PRO A 415 -12.95 -19.66 5.41
N THR A 416 -13.71 -20.52 6.07
CA THR A 416 -13.31 -21.16 7.33
C THR A 416 -13.49 -22.68 7.23
N TRP A 417 -12.91 -23.39 8.20
CA TRP A 417 -12.73 -24.84 8.11
C TRP A 417 -13.17 -25.42 9.46
N PRO A 418 -14.49 -25.54 9.68
CA PRO A 418 -14.97 -26.09 10.96
C PRO A 418 -14.68 -27.62 11.13
N GLY A 419 -14.51 -28.03 12.39
CA GLY A 419 -14.04 -29.36 12.74
C GLY A 419 -14.86 -30.60 12.44
N GLU A 420 -16.17 -30.55 12.55
CA GLU A 420 -16.89 -31.85 12.56
C GLU A 420 -17.51 -32.12 11.18
N ASN A 421 -16.77 -31.87 10.11
CA ASN A 421 -17.46 -31.51 8.86
C ASN A 421 -16.86 -32.12 7.62
N ASP A 422 -16.25 -33.31 7.78
CA ASP A 422 -15.64 -34.08 6.66
C ASP A 422 -14.54 -33.30 5.91
N GLY A 423 -13.86 -32.40 6.61
CA GLY A 423 -12.85 -31.54 6.00
C GLY A 423 -13.35 -30.52 4.99
N MET A 424 -14.67 -30.27 4.90
CA MET A 424 -15.21 -29.31 3.90
C MET A 424 -15.30 -27.91 4.47
N PRO A 425 -15.10 -26.89 3.62
CA PRO A 425 -15.17 -25.53 4.18
C PRO A 425 -16.64 -24.99 4.31
N ILE A 426 -16.75 -23.88 5.02
CA ILE A 426 -17.97 -23.11 5.08
C ILE A 426 -17.61 -21.67 5.32
N GLY A 427 -18.32 -20.75 4.66
CA GLY A 427 -17.96 -19.35 4.71
C GLY A 427 -18.71 -18.59 5.77
N VAL A 428 -18.13 -17.45 6.16
N VAL A 428 -18.14 -17.44 6.15
CA VAL A 428 -18.81 -16.49 7.02
CA VAL A 428 -18.81 -16.50 7.02
C VAL A 428 -19.01 -15.18 6.27
C VAL A 428 -19.01 -15.18 6.27
N GLN A 429 -20.23 -14.63 6.37
CA GLN A 429 -20.53 -13.29 5.84
C GLN A 429 -20.12 -12.22 6.87
N LEU A 430 -19.32 -11.27 6.43
CA LEU A 430 -18.99 -10.06 7.19
C LEU A 430 -19.72 -8.91 6.48
N ILE A 431 -20.78 -8.43 7.10
CA ILE A 431 -21.78 -7.55 6.44
C ILE A 431 -21.60 -6.18 7.05
N ALA A 432 -21.54 -5.18 6.19
CA ALA A 432 -21.50 -3.78 6.65
C ALA A 432 -22.58 -2.96 5.97
N ALA A 433 -22.72 -1.70 6.41
CA ALA A 433 -23.69 -0.78 5.84
C ALA A 433 -23.35 -0.49 4.39
N PRO A 434 -24.36 -0.08 3.56
CA PRO A 434 -24.08 0.41 2.25
C PRO A 434 -22.92 1.37 2.20
N TRP A 435 -22.00 1.11 1.28
CA TRP A 435 -20.78 1.92 1.00
C TRP A 435 -19.60 1.66 1.92
N ASN A 436 -19.72 0.70 2.81
CA ASN A 436 -18.67 0.44 3.80
C ASN A 436 -17.93 -0.86 3.52
N GLU A 437 -17.70 -1.16 2.23
CA GLU A 437 -16.87 -2.31 1.82
C GLU A 437 -15.54 -2.38 2.59
N SER A 438 -14.88 -1.25 2.82
CA SER A 438 -13.56 -1.30 3.49
C SER A 438 -13.64 -1.80 4.93
N LEU A 439 -14.79 -1.66 5.62
CA LEU A 439 -14.97 -2.33 6.93
C LEU A 439 -15.04 -3.84 6.80
N CYS A 440 -15.80 -4.33 5.84
CA CYS A 440 -15.88 -5.79 5.59
C CYS A 440 -14.47 -6.33 5.33
N LEU A 441 -13.72 -5.61 4.52
CA LEU A 441 -12.37 -6.04 4.13
C LEU A 441 -11.40 -5.99 5.28
N ARG A 442 -11.48 -4.92 6.09
CA ARG A 442 -10.68 -4.84 7.34
C ARG A 442 -10.96 -6.00 8.29
N ALA A 443 -12.21 -6.39 8.44
CA ALA A 443 -12.57 -7.51 9.28
C ALA A 443 -12.03 -8.82 8.69
N GLY A 444 -12.14 -8.95 7.37
CA GLY A 444 -11.57 -10.10 6.71
C GLY A 444 -10.08 -10.28 6.96
N LYS A 445 -9.35 -9.17 6.91
CA LYS A 445 -7.92 -9.18 7.08
C LYS A 445 -7.54 -9.67 8.53
N VAL A 446 -8.29 -9.25 9.54
CA VAL A 446 -8.10 -9.78 10.89
C VAL A 446 -8.34 -11.28 10.93
N LEU A 447 -9.40 -11.78 10.27
CA LEU A 447 -9.59 -13.21 10.25
C LEU A 447 -8.44 -13.93 9.57
N GLN A 448 -7.94 -13.36 8.47
CA GLN A 448 -6.85 -13.95 7.73
C GLN A 448 -5.54 -13.98 8.55
N ASP A 449 -5.24 -12.89 9.22
CA ASP A 449 -4.00 -12.76 10.04
C ASP A 449 -3.94 -13.78 11.17
N THR A 450 -5.06 -14.09 11.80
CA THR A 450 -5.10 -15.04 12.88
C THR A 450 -5.18 -16.47 12.38
N GLY A 451 -5.34 -16.70 11.09
CA GLY A 451 -5.36 -18.08 10.58
C GLY A 451 -6.72 -18.74 10.56
N ILE A 452 -7.75 -18.03 11.05
CA ILE A 452 -9.12 -18.51 11.07
C ILE A 452 -9.76 -18.62 9.67
N ALA A 453 -9.52 -17.61 8.83
CA ALA A 453 -9.94 -17.60 7.43
C ALA A 453 -8.75 -17.88 6.54
N ARG A 454 -8.87 -18.91 5.70
CA ARG A 454 -7.76 -19.32 4.82
C ARG A 454 -8.26 -20.25 3.73
N LEU A 455 -7.46 -20.46 2.72
CA LEU A 455 -7.70 -21.47 1.69
C LEU A 455 -7.01 -22.75 2.10
N LYS A 456 -7.27 -23.85 1.45
CA LYS A 456 -6.41 -25.03 1.70
C LYS A 456 -5.79 -25.39 0.37
N CYS A 457 -4.51 -25.05 0.19
CA CYS A 457 -3.82 -25.23 -1.10
C CYS A 457 -2.53 -25.98 -0.88
N MET B 1 13.98 36.61 11.10
CA MET B 1 15.07 37.16 10.22
C MET B 1 16.02 36.01 9.82
N LYS B 2 16.99 36.27 8.97
CA LYS B 2 18.03 35.33 8.68
C LYS B 2 19.13 35.39 9.78
N THR B 3 19.93 34.32 9.80
CA THR B 3 21.00 34.14 10.75
C THR B 3 21.81 35.42 11.02
N VAL B 4 22.35 35.99 9.93
CA VAL B 4 23.30 37.09 10.08
C VAL B 4 22.60 38.30 10.72
N GLU B 5 21.39 38.59 10.28
CA GLU B 5 20.59 39.67 10.86
C GLU B 5 20.23 39.40 12.32
N ILE B 6 19.86 38.18 12.67
CA ILE B 6 19.65 37.84 14.10
C ILE B 6 20.88 38.11 14.96
N ILE B 7 22.00 37.61 14.52
CA ILE B 7 23.23 37.73 15.30
C ILE B 7 23.66 39.20 15.46
N GLU B 8 23.55 39.93 14.36
CA GLU B 8 23.95 41.33 14.37
C GLU B 8 22.97 42.16 15.20
N GLY B 9 21.71 41.88 15.07
CA GLY B 9 20.67 42.51 15.84
C GLY B 9 20.78 42.34 17.35
N ILE B 10 21.18 41.14 17.77
CA ILE B 10 21.43 40.90 19.20
C ILE B 10 22.72 41.57 19.66
N ALA B 11 23.78 41.46 18.87
CA ALA B 11 25.07 42.06 19.22
C ALA B 11 24.96 43.60 19.35
N SER B 12 24.25 44.23 18.42
CA SER B 12 24.07 45.66 18.42
C SER B 12 23.00 46.20 19.41
N GLY B 13 22.24 45.34 20.07
CA GLY B 13 21.21 45.74 21.00
C GLY B 13 19.91 46.19 20.37
N ARG B 14 19.76 46.02 19.07
CA ARG B 14 18.50 46.33 18.40
C ARG B 14 17.39 45.35 18.76
N THR B 15 17.71 44.10 19.11
CA THR B 15 16.70 43.15 19.53
C THR B 15 17.27 42.21 20.60
N SER B 16 16.44 41.75 21.49
CA SER B 16 16.94 40.92 22.59
C SER B 16 16.98 39.44 22.11
N ALA B 17 17.85 38.69 22.75
CA ALA B 17 17.86 37.22 22.53
C ALA B 17 16.56 36.56 22.96
N ARG B 18 16.02 37.02 24.07
CA ARG B 18 14.76 36.48 24.54
C ARG B 18 13.66 36.75 23.55
N ASP B 19 13.60 37.94 22.94
CA ASP B 19 12.53 38.19 21.93
C ASP B 19 12.67 37.32 20.68
N VAL B 20 13.91 37.10 20.27
CA VAL B 20 14.21 36.19 19.15
C VAL B 20 13.78 34.78 19.47
N CYS B 21 14.09 34.33 20.67
CA CYS B 21 13.61 33.03 21.20
C CYS B 21 12.08 32.87 21.19
N GLU B 22 11.39 33.86 21.75
CA GLU B 22 9.91 33.83 21.76
C GLU B 22 9.29 33.84 20.36
N GLU B 23 9.87 34.56 19.40
CA GLU B 23 9.38 34.48 18.03
C GLU B 23 9.50 33.07 17.44
N ALA B 24 10.65 32.40 17.65
CA ALA B 24 10.80 31.05 17.18
C ALA B 24 9.80 30.10 17.86
N LEU B 25 9.67 30.22 19.19
CA LEU B 25 8.69 29.41 19.89
C LEU B 25 7.27 29.62 19.40
N ALA B 26 6.90 30.87 19.12
CA ALA B 26 5.52 31.13 18.68
C ALA B 26 5.32 30.63 17.27
N THR B 27 6.33 30.74 16.41
CA THR B 27 6.23 30.14 15.07
C THR B 27 6.06 28.61 15.11
N ILE B 28 6.79 27.97 15.99
CA ILE B 28 6.63 26.55 16.19
C ILE B 28 5.19 26.25 16.61
N GLY B 29 4.70 26.97 17.60
CA GLY B 29 3.34 26.79 18.12
C GLY B 29 2.31 26.94 17.01
N ALA B 30 2.49 27.92 16.14
CA ALA B 30 1.53 28.12 15.07
C ALA B 30 1.61 27.17 13.86
N THR B 31 2.78 26.59 13.57
CA THR B 31 3.02 25.83 12.34
C THR B 31 3.25 24.35 12.51
N ASP B 32 3.70 23.93 13.70
CA ASP B 32 4.18 22.57 13.80
C ASP B 32 3.11 21.50 13.96
N GLY B 33 1.89 21.86 14.33
CA GLY B 33 0.80 20.91 14.25
C GLY B 33 0.76 20.25 12.87
N LEU B 34 0.91 21.04 11.80
CA LEU B 34 0.91 20.48 10.44
C LEU B 34 2.30 19.98 9.95
N ILE B 35 3.36 20.75 10.16
CA ILE B 35 4.67 20.38 9.60
C ILE B 35 5.24 19.16 10.33
N ASN B 36 5.05 19.09 11.65
CA ASN B 36 5.45 17.98 12.48
C ASN B 36 6.96 17.75 12.43
N ALA B 37 7.73 18.84 12.51
CA ALA B 37 9.20 18.77 12.54
C ALA B 37 9.69 18.45 13.93
N PHE B 38 9.02 18.92 15.00
CA PHE B 38 9.55 18.75 16.35
C PHE B 38 8.99 17.53 17.08
N THR B 39 9.85 16.79 17.79
CA THR B 39 9.37 15.78 18.72
C THR B 39 9.45 16.22 20.15
N CYS B 40 10.23 17.25 20.44
CA CYS B 40 10.46 17.68 21.86
C CYS B 40 10.77 19.18 21.81
N ARG B 41 10.04 20.01 22.52
CA ARG B 41 10.36 21.46 22.53
C ARG B 41 10.93 21.80 23.89
N THR B 42 12.20 22.21 23.93
CA THR B 42 12.90 22.48 25.22
C THR B 42 12.69 23.94 25.62
N VAL B 43 11.46 24.25 25.96
CA VAL B 43 11.01 25.65 26.12
C VAL B 43 11.70 26.36 27.27
N GLU B 44 11.75 25.67 28.43
CA GLU B 44 12.36 26.21 29.60
C GLU B 44 13.85 26.41 29.40
N ARG B 45 14.53 25.43 28.82
CA ARG B 45 15.92 25.57 28.49
C ARG B 45 16.19 26.72 27.48
N ALA B 46 15.41 26.84 26.46
CA ALA B 46 15.56 27.88 25.48
C ALA B 46 15.47 29.23 26.12
N ARG B 47 14.45 29.42 26.98
CA ARG B 47 14.26 30.72 27.58
C ARG B 47 15.40 31.06 28.51
N ALA B 48 15.90 30.07 29.27
CA ALA B 48 17.04 30.29 30.18
C ALA B 48 18.30 30.62 29.41
N GLU B 49 18.56 29.93 28.28
CA GLU B 49 19.75 30.23 27.48
C GLU B 49 19.71 31.64 26.87
N ALA B 50 18.56 32.02 26.34
CA ALA B 50 18.36 33.33 25.74
C ALA B 50 18.52 34.43 26.81
N ASP B 51 17.90 34.19 27.96
CA ASP B 51 18.03 35.12 29.08
C ASP B 51 19.51 35.31 29.47
N ALA B 52 20.28 34.22 29.52
CA ALA B 52 21.70 34.28 29.88
C ALA B 52 22.52 35.09 28.89
N ILE B 53 22.22 34.98 27.60
CA ILE B 53 22.87 35.85 26.58
C ILE B 53 22.54 37.34 26.84
N ASP B 54 21.28 37.63 27.09
CA ASP B 54 20.89 39.05 27.39
C ASP B 54 21.59 39.56 28.66
N VAL B 55 21.72 38.72 29.69
CA VAL B 55 22.50 39.12 30.84
C VAL B 55 23.94 39.42 30.53
N ARG B 56 24.59 38.58 29.73
CA ARG B 56 25.99 38.86 29.37
C ARG B 56 26.15 40.16 28.59
N ARG B 57 25.24 40.41 27.68
CA ARG B 57 25.26 41.68 26.95
C ARG B 57 25.11 42.89 27.87
N ALA B 58 24.16 42.80 28.81
CA ALA B 58 23.88 43.87 29.76
C ALA B 58 25.08 44.09 30.69
N ARG B 59 25.91 43.06 30.91
CA ARG B 59 27.16 43.17 31.71
C ARG B 59 28.31 43.75 30.97
N GLY B 60 28.13 44.09 29.69
CA GLY B 60 29.23 44.62 28.89
C GLY B 60 30.17 43.57 28.31
N GLU B 61 29.79 42.29 28.35
CA GLU B 61 30.70 41.24 27.83
C GLU B 61 30.68 41.20 26.34
N VAL B 62 31.78 40.69 25.79
CA VAL B 62 31.89 40.45 24.36
C VAL B 62 31.08 39.18 24.09
N LEU B 63 30.12 39.22 23.20
CA LEU B 63 29.25 38.05 22.97
C LEU B 63 29.93 37.08 22.00
N PRO B 64 29.63 35.77 22.15
CA PRO B 64 30.27 34.83 21.27
C PRO B 64 29.57 34.84 19.89
N PRO B 65 30.17 34.18 18.88
CA PRO B 65 29.80 34.34 17.51
C PRO B 65 28.38 33.93 17.13
N LEU B 66 27.75 33.05 17.91
CA LEU B 66 26.36 32.65 17.61
C LEU B 66 25.37 33.15 18.66
N ALA B 67 25.72 34.20 19.36
CA ALA B 67 24.94 34.63 20.52
C ALA B 67 23.48 34.91 20.22
N GLY B 68 22.61 34.12 20.83
CA GLY B 68 21.19 34.27 20.67
C GLY B 68 20.51 33.56 19.51
N LEU B 69 21.28 32.82 18.73
CA LEU B 69 20.73 32.18 17.52
C LEU B 69 19.93 30.93 17.89
N PRO B 70 18.65 30.89 17.59
CA PRO B 70 17.92 29.63 17.91
C PRO B 70 18.28 28.47 16.96
N TYR B 71 18.28 27.24 17.49
CA TYR B 71 18.55 26.05 16.70
C TYR B 71 17.80 24.88 17.30
N ALA B 72 17.66 23.83 16.48
CA ALA B 72 17.17 22.59 16.93
C ALA B 72 17.96 21.44 16.35
N VAL B 73 17.81 20.25 16.94
CA VAL B 73 18.65 19.10 16.51
C VAL B 73 17.84 17.85 16.24
N LYS B 74 18.26 17.08 15.24
CA LYS B 74 17.71 15.76 14.98
C LYS B 74 17.73 14.94 16.30
N ASN B 75 16.65 14.21 16.55
CA ASN B 75 16.50 13.57 17.85
C ASN B 75 17.36 12.32 18.06
N LEU B 76 18.35 12.06 17.19
CA LEU B 76 19.50 11.22 17.56
C LEU B 76 20.61 11.92 18.38
N PHE B 77 20.53 13.24 18.56
CA PHE B 77 21.50 13.98 19.35
C PHE B 77 21.01 13.94 20.81
N ASP B 78 21.92 13.63 21.71
CA ASP B 78 21.69 13.66 23.14
C ASP B 78 21.48 15.11 23.58
N ILE B 79 20.41 15.31 24.30
CA ILE B 79 20.07 16.55 24.96
C ILE B 79 19.96 16.19 26.44
N GLU B 80 20.71 16.87 27.25
CA GLU B 80 20.75 16.62 28.70
C GLU B 80 19.35 16.57 29.31
N GLY B 81 19.05 15.50 30.04
CA GLY B 81 17.76 15.35 30.70
C GLY B 81 16.63 14.81 29.83
N VAL B 82 16.93 14.49 28.55
CA VAL B 82 15.90 14.03 27.65
C VAL B 82 16.39 12.67 27.13
N THR B 83 15.46 11.72 27.04
CA THR B 83 15.72 10.40 26.45
C THR B 83 15.91 10.53 24.92
N THR B 84 17.06 10.06 24.44
CA THR B 84 17.37 10.12 23.01
C THR B 84 16.57 9.10 22.19
N LEU B 85 15.63 9.57 21.41
CA LEU B 85 14.69 8.69 20.68
C LEU B 85 15.25 8.08 19.40
N ALA B 86 16.03 8.86 18.65
CA ALA B 86 16.54 8.43 17.31
C ALA B 86 15.39 7.91 16.46
N GLY B 87 14.23 8.61 16.51
CA GLY B 87 13.07 8.28 15.72
C GLY B 87 12.32 7.01 16.05
N SER B 88 12.65 6.37 17.17
CA SER B 88 12.12 5.05 17.53
C SER B 88 11.18 5.16 18.73
N LYS B 89 10.31 4.18 18.85
CA LYS B 89 9.65 3.95 20.09
C LYS B 89 10.41 3.05 21.06
N ILE B 90 11.28 2.19 20.54
CA ILE B 90 12.08 1.32 21.33
C ILE B 90 12.94 2.06 22.36
N ASN B 91 13.50 3.21 22.00
CA ASN B 91 14.38 3.93 22.90
C ASN B 91 13.61 4.68 24.03
N ARG B 92 12.27 4.66 24.04
N ARG B 92 12.28 4.64 24.05
CA ARG B 92 11.55 5.50 24.99
CA ARG B 92 11.50 5.41 25.00
C ARG B 92 11.83 5.11 26.44
C ARG B 92 11.79 5.08 26.45
N THR B 93 12.21 3.86 26.72
CA THR B 93 12.50 3.44 28.08
C THR B 93 13.94 3.58 28.50
N LEU B 94 14.81 4.11 27.64
CA LEU B 94 16.20 4.28 27.99
C LEU B 94 16.33 5.48 28.94
N PRO B 95 17.35 5.44 29.78
CA PRO B 95 17.58 6.61 30.68
C PRO B 95 17.80 7.93 29.93
N PRO B 96 17.38 9.05 30.54
CA PRO B 96 17.70 10.35 29.92
C PRO B 96 19.21 10.59 29.80
N ALA B 97 19.65 11.25 28.73
CA ALA B 97 21.03 11.55 28.53
C ALA B 97 21.59 12.36 29.71
N ARG B 98 22.78 11.97 30.13
CA ARG B 98 23.47 12.64 31.22
C ARG B 98 24.16 13.92 30.78
N ALA B 99 24.39 14.09 29.48
CA ALA B 99 25.07 15.31 28.98
C ALA B 99 24.54 15.56 27.56
N ASP B 100 24.66 16.79 27.09
CA ASP B 100 24.46 17.15 25.70
C ASP B 100 25.52 16.47 24.80
N ALA B 101 25.14 16.16 23.58
CA ALA B 101 26.09 15.81 22.54
C ALA B 101 27.17 16.83 22.46
N VAL B 102 28.38 16.42 22.11
CA VAL B 102 29.47 17.37 22.03
C VAL B 102 29.14 18.55 21.07
N LEU B 103 28.53 18.26 19.92
CA LEU B 103 28.21 19.37 19.02
C LEU B 103 27.20 20.40 19.65
N VAL B 104 26.25 19.88 20.44
CA VAL B 104 25.31 20.73 21.18
C VAL B 104 26.05 21.57 22.22
N GLN B 105 27.00 20.95 22.96
CA GLN B 105 27.86 21.67 23.89
C GLN B 105 28.62 22.81 23.20
N ARG B 106 29.15 22.55 22.04
CA ARG B 106 29.91 23.56 21.28
C ARG B 106 29.00 24.73 20.75
N LEU B 107 27.79 24.41 20.34
CA LEU B 107 26.88 25.44 19.89
C LEU B 107 26.46 26.28 21.09
N LYS B 108 26.14 25.63 22.19
CA LYS B 108 25.82 26.32 23.45
C LYS B 108 26.95 27.31 23.90
N ALA B 109 28.20 26.83 23.88
CA ALA B 109 29.38 27.66 24.17
C ALA B 109 29.53 28.82 23.21
N ALA B 110 29.05 28.69 21.97
CA ALA B 110 29.09 29.76 21.02
C ALA B 110 27.91 30.71 21.18
N GLY B 111 26.97 30.43 22.09
CA GLY B 111 25.88 31.34 22.43
C GLY B 111 24.59 30.96 21.83
N ALA B 112 24.52 29.86 21.07
CA ALA B 112 23.27 29.48 20.43
C ALA B 112 22.29 28.91 21.43
N VAL B 113 21.03 28.99 21.12
CA VAL B 113 19.90 28.69 21.99
C VAL B 113 19.08 27.51 21.48
N LEU B 114 19.00 26.45 22.30
CA LEU B 114 18.40 25.20 21.86
C LEU B 114 16.93 25.14 22.06
N LEU B 115 16.18 24.90 20.99
CA LEU B 115 14.72 24.87 21.03
C LEU B 115 14.14 23.46 21.07
N GLY B 116 14.92 22.45 20.63
CA GLY B 116 14.55 21.07 20.95
C GLY B 116 14.98 20.05 19.91
N GLY B 117 14.23 18.96 19.90
CA GLY B 117 14.54 17.76 19.14
C GLY B 117 13.61 17.58 17.98
N LEU B 118 14.15 17.06 16.88
CA LEU B 118 13.46 17.00 15.60
C LEU B 118 13.22 15.58 15.09
N ASN B 119 12.10 15.42 14.40
CA ASN B 119 11.66 14.14 13.84
C ASN B 119 12.67 13.62 12.77
N MET B 120 12.73 12.30 12.64
CA MET B 120 13.66 11.62 11.74
C MET B 120 13.12 10.26 11.41
N ASP B 121 13.58 9.66 10.33
CA ASP B 121 13.26 8.24 10.08
C ASP B 121 13.88 7.43 11.17
N GLU B 122 13.16 6.40 11.61
CA GLU B 122 13.62 5.59 12.75
C GLU B 122 15.02 5.03 12.55
N PHE B 123 15.90 5.29 13.49
CA PHE B 123 17.27 4.82 13.51
C PHE B 123 18.06 5.24 12.31
N ALA B 124 17.58 6.31 11.63
CA ALA B 124 18.26 6.97 10.55
C ALA B 124 18.23 6.20 9.26
N TYR B 125 17.47 5.10 9.15
CA TYR B 125 17.45 4.30 7.92
C TYR B 125 16.27 4.68 7.05
N GLY B 126 16.45 5.62 6.15
CA GLY B 126 15.38 6.09 5.26
C GLY B 126 15.71 7.49 4.72
N PHE B 127 15.15 7.85 3.57
CA PHE B 127 15.33 9.16 2.99
C PHE B 127 14.07 10.01 2.90
N THR B 128 13.02 9.68 3.65
CA THR B 128 11.75 10.40 3.50
C THR B 128 11.08 10.96 4.75
N THR B 129 11.58 10.60 5.93
CA THR B 129 10.98 10.98 7.23
C THR B 129 9.46 10.74 7.25
N GLU B 130 9.10 9.55 6.83
CA GLU B 130 7.73 9.03 6.92
C GLU B 130 7.71 8.08 8.12
N ASN B 131 7.65 8.64 9.31
CA ASN B 131 7.85 7.90 10.54
C ASN B 131 6.50 7.37 11.00
N THR B 132 6.35 6.06 11.10
CA THR B 132 5.06 5.46 11.50
C THR B 132 4.66 5.80 12.95
N HIS B 133 5.61 5.91 13.86
CA HIS B 133 5.29 6.12 15.26
C HIS B 133 4.95 7.60 15.50
N TYR B 134 5.77 8.52 14.96
CA TYR B 134 5.63 9.96 15.25
C TYR B 134 4.90 10.74 14.14
N GLY B 135 4.56 10.08 13.03
CA GLY B 135 3.96 10.70 11.88
C GLY B 135 4.98 11.26 10.92
N PRO B 136 4.59 11.45 9.65
CA PRO B 136 5.52 12.08 8.70
C PRO B 136 5.81 13.53 9.03
N THR B 137 7.00 14.00 8.72
CA THR B 137 7.25 15.44 8.59
C THR B 137 6.87 15.90 7.23
N ARG B 138 6.18 17.03 7.14
CA ARG B 138 5.61 17.48 5.85
C ARG B 138 6.39 18.64 5.29
N ASN B 139 6.52 18.66 3.96
CA ASN B 139 7.29 19.70 3.30
C ASN B 139 6.55 21.04 3.45
N PRO B 140 7.20 22.08 3.99
CA PRO B 140 6.56 23.37 4.11
C PRO B 140 6.19 24.03 2.82
N HIS B 141 6.85 23.69 1.71
N HIS B 141 6.81 23.66 1.70
CA HIS B 141 6.46 24.23 0.40
CA HIS B 141 6.45 24.21 0.42
C HIS B 141 5.25 23.53 -0.22
C HIS B 141 5.24 23.52 -0.22
N ASP B 142 4.91 22.33 0.26
CA ASP B 142 3.72 21.60 -0.18
C ASP B 142 3.54 20.44 0.75
N THR B 143 2.59 20.58 1.66
CA THR B 143 2.48 19.67 2.77
C THR B 143 1.90 18.32 2.43
N GLY B 144 1.52 18.07 1.17
CA GLY B 144 1.21 16.72 0.74
C GLY B 144 2.48 15.98 0.25
N ARG B 145 3.65 16.65 0.27
CA ARG B 145 4.90 16.08 -0.19
C ARG B 145 5.88 15.84 0.99
N ILE B 146 6.78 14.93 0.79
CA ILE B 146 7.79 14.60 1.81
C ILE B 146 8.77 15.75 2.01
N ALA B 147 9.29 15.86 3.20
CA ALA B 147 10.43 16.71 3.53
C ALA B 147 11.79 16.08 3.16
N GLY B 148 11.83 14.81 2.87
CA GLY B 148 13.12 14.17 2.64
C GLY B 148 13.55 13.64 4.00
N GLY B 149 14.73 13.05 4.02
CA GLY B 149 15.19 12.36 5.21
C GLY B 149 16.57 11.79 5.04
N SER B 150 17.11 11.15 6.08
CA SER B 150 16.45 10.95 7.36
C SER B 150 16.35 12.17 8.25
N SER B 151 17.05 13.26 7.94
CA SER B 151 16.98 14.49 8.77
C SER B 151 15.82 15.42 8.31
N GLY B 152 14.63 14.86 8.12
CA GLY B 152 13.52 15.65 7.61
C GLY B 152 13.03 16.77 8.52
N GLY B 153 12.99 16.52 9.82
CA GLY B 153 12.69 17.62 10.75
C GLY B 153 13.66 18.77 10.67
N SER B 154 14.94 18.45 10.42
CA SER B 154 16.00 19.43 10.35
C SER B 154 15.84 20.30 9.14
N GLY B 155 15.43 19.74 8.03
CA GLY B 155 15.16 20.54 6.83
C GLY B 155 13.84 21.33 6.93
N ALA B 156 12.79 20.68 7.43
CA ALA B 156 11.48 21.30 7.47
C ALA B 156 11.46 22.44 8.47
N ALA B 157 12.12 22.29 9.61
CA ALA B 157 12.10 23.38 10.58
C ALA B 157 12.68 24.66 10.01
N ILE B 158 13.68 24.55 9.14
CA ILE B 158 14.30 25.72 8.53
C ILE B 158 13.38 26.27 7.42
N ALA B 159 12.83 25.42 6.58
CA ALA B 159 12.00 25.90 5.48
C ALA B 159 10.68 26.50 5.97
N ALA B 160 10.19 26.05 7.09
CA ALA B 160 9.00 26.62 7.73
C ALA B 160 9.28 27.91 8.50
N GLY B 161 10.52 28.36 8.59
CA GLY B 161 10.90 29.56 9.33
C GLY B 161 10.87 29.38 10.86
N GLN B 162 10.91 28.14 11.36
CA GLN B 162 10.86 27.90 12.82
C GLN B 162 12.19 28.23 13.48
N VAL B 163 13.27 27.74 12.89
CA VAL B 163 14.62 28.07 13.31
C VAL B 163 15.48 28.38 12.10
N PRO B 164 16.53 29.19 12.30
CA PRO B 164 17.47 29.47 11.24
C PRO B 164 18.61 28.41 11.04
N LEU B 165 18.81 27.50 12.00
CA LEU B 165 19.90 26.52 12.04
C LEU B 165 19.38 25.24 12.62
N SER B 166 19.74 24.13 12.03
CA SER B 166 19.53 22.84 12.67
C SER B 166 20.73 21.90 12.48
N LEU B 167 20.77 20.84 13.26
CA LEU B 167 21.75 19.77 13.08
C LEU B 167 21.07 18.52 12.58
N GLY B 168 21.72 17.88 11.63
CA GLY B 168 21.35 16.60 11.12
C GLY B 168 22.47 15.59 11.11
N SER B 169 22.15 14.44 10.54
CA SER B 169 23.16 13.43 10.24
C SER B 169 23.04 13.03 8.81
N ASP B 170 24.17 12.56 8.30
CA ASP B 170 24.29 12.18 6.87
C ASP B 170 25.22 10.98 6.76
N THR B 171 24.66 9.83 6.45
CA THR B 171 25.45 8.64 6.24
C THR B 171 25.60 8.40 4.74
N ASN B 172 24.47 8.32 4.06
CA ASN B 172 24.37 8.09 2.64
C ASN B 172 23.55 9.17 1.92
N GLY B 173 23.30 10.29 2.61
CA GLY B 173 22.53 11.40 2.05
C GLY B 173 21.66 12.17 2.99
N SER B 174 21.58 11.81 4.24
CA SER B 174 20.52 12.30 5.06
C SER B 174 20.54 13.80 5.54
N ILE B 175 21.57 14.55 5.19
CA ILE B 175 21.55 16.01 5.28
C ILE B 175 21.25 16.61 3.92
N ARG B 176 21.94 16.11 2.92
CA ARG B 176 21.79 16.58 1.54
C ARG B 176 20.40 16.35 0.96
N VAL B 177 19.75 15.23 1.26
CA VAL B 177 18.43 14.97 0.72
C VAL B 177 17.34 15.99 1.25
N PRO B 178 17.19 16.13 2.58
CA PRO B 178 16.25 17.16 3.06
C PRO B 178 16.62 18.59 2.71
N ALA B 179 17.88 18.92 2.61
CA ALA B 179 18.28 20.22 2.11
C ALA B 179 17.72 20.39 0.71
N SER B 180 17.93 19.38 -0.14
CA SER B 180 17.41 19.45 -1.50
C SER B 180 15.90 19.61 -1.58
N LEU B 181 15.19 18.71 -0.91
CA LEU B 181 13.76 18.66 -1.00
C LEU B 181 13.01 19.80 -0.30
N CYS B 182 13.58 20.34 0.80
CA CYS B 182 12.99 21.49 1.49
C CYS B 182 13.50 22.87 1.00
N GLY B 183 14.51 22.88 0.11
CA GLY B 183 15.02 24.12 -0.35
C GLY B 183 15.77 24.91 0.71
N VAL B 184 16.68 24.25 1.42
CA VAL B 184 17.50 24.92 2.39
C VAL B 184 18.94 24.52 2.20
N TRP B 185 19.83 25.17 2.96
CA TRP B 185 21.26 24.90 2.85
C TRP B 185 21.64 23.73 3.72
N GLY B 186 22.59 22.89 3.27
CA GLY B 186 23.18 21.83 4.09
C GLY B 186 24.66 21.69 3.86
N LEU B 187 25.35 21.27 4.92
CA LEU B 187 26.75 20.95 4.85
C LEU B 187 26.98 19.58 5.48
N LYS B 188 27.52 18.66 4.68
CA LYS B 188 28.03 17.39 5.21
C LYS B 188 29.52 17.55 5.21
N PRO B 189 30.14 17.75 6.36
CA PRO B 189 31.56 17.95 6.40
C PRO B 189 32.32 16.66 6.03
N THR B 190 33.64 16.79 5.93
CA THR B 190 34.52 15.63 5.69
C THR B 190 34.29 14.57 6.74
N PHE B 191 34.28 13.30 6.35
CA PHE B 191 34.18 12.23 7.38
C PHE B 191 35.33 12.41 8.37
N GLY B 192 34.98 12.42 9.66
CA GLY B 192 35.95 12.59 10.72
C GLY B 192 36.26 14.01 11.12
N ARG B 193 35.57 14.99 10.54
CA ARG B 193 35.74 16.37 10.96
C ARG B 193 35.08 16.72 12.26
N LEU B 194 33.78 16.44 12.35
CA LEU B 194 32.96 16.80 13.51
C LEU B 194 32.68 15.59 14.42
N SER B 195 32.83 15.83 15.70
CA SER B 195 32.71 14.83 16.73
C SER B 195 31.36 14.20 16.75
N ARG B 196 31.32 12.87 16.83
CA ARG B 196 30.05 12.14 16.88
C ARG B 196 29.64 11.76 18.31
N ARG B 197 30.42 12.20 19.28
CA ARG B 197 30.22 11.82 20.67
C ARG B 197 28.89 12.43 21.25
N GLY B 198 28.15 11.55 21.91
CA GLY B 198 26.82 11.84 22.44
C GLY B 198 25.71 11.80 21.38
N THR B 199 25.87 11.07 20.31
CA THR B 199 24.83 10.85 19.34
C THR B 199 24.51 9.37 19.16
N TYR B 200 23.30 9.06 18.78
CA TYR B 200 22.88 7.65 18.59
C TYR B 200 23.34 7.23 17.17
N PRO B 201 24.21 6.24 17.07
CA PRO B 201 24.79 5.89 15.77
C PRO B 201 23.93 5.02 14.86
N PHE B 202 24.36 4.95 13.60
CA PHE B 202 23.68 4.15 12.60
C PHE B 202 24.76 3.24 11.99
N VAL B 203 25.70 3.81 11.27
CA VAL B 203 26.82 3.07 10.64
C VAL B 203 28.12 3.72 11.13
N HIS B 204 28.84 3.05 11.97
CA HIS B 204 30.08 3.56 12.52
C HIS B 204 31.07 3.96 11.40
N SER B 205 31.11 3.15 10.37
CA SER B 205 32.05 3.40 9.28
C SER B 205 31.69 4.56 8.34
N ILE B 206 30.48 5.08 8.40
CA ILE B 206 30.05 6.09 7.40
C ILE B 206 29.31 7.32 7.97
N ASP B 207 28.80 7.28 9.21
CA ASP B 207 27.99 8.43 9.73
C ASP B 207 28.81 9.74 9.75
N HIS B 208 28.17 10.81 9.23
CA HIS B 208 28.63 12.17 9.36
C HIS B 208 27.61 13.02 10.09
N LEU B 209 28.03 14.09 10.76
CA LEU B 209 27.07 15.06 11.38
C LEU B 209 27.35 16.41 10.80
N GLY B 210 26.34 17.23 10.73
CA GLY B 210 26.48 18.56 10.14
C GLY B 210 25.25 19.46 10.25
N PRO B 211 25.41 20.73 9.92
CA PRO B 211 24.35 21.71 10.01
C PRO B 211 23.53 21.81 8.70
N LEU B 212 22.30 22.20 8.88
CA LEU B 212 21.46 22.79 7.84
C LEU B 212 21.12 24.20 8.27
N ALA B 213 20.90 25.08 7.32
CA ALA B 213 20.71 26.49 7.63
C ALA B 213 19.94 27.28 6.61
N ASP B 214 19.57 28.49 7.00
CA ASP B 214 18.82 29.40 6.18
C ASP B 214 19.68 30.22 5.21
N SER B 215 20.99 30.01 5.24
CA SER B 215 21.92 30.77 4.45
C SER B 215 23.27 30.09 4.48
N VAL B 216 24.13 30.39 3.50
CA VAL B 216 25.44 29.78 3.49
C VAL B 216 26.34 30.32 4.68
N GLU B 217 26.12 31.55 5.14
CA GLU B 217 26.78 32.08 6.31
C GLU B 217 26.42 31.28 7.51
N GLY B 218 25.13 30.92 7.63
CA GLY B 218 24.64 30.03 8.71
C GLY B 218 25.45 28.73 8.77
N LEU B 219 25.66 28.09 7.60
CA LEU B 219 26.48 26.92 7.55
C LEU B 219 27.88 27.15 8.09
N ALA B 220 28.53 28.21 7.60
CA ALA B 220 29.93 28.47 7.94
C ALA B 220 30.10 28.79 9.41
N LEU B 221 29.21 29.63 9.94
CA LEU B 221 29.30 30.07 11.36
C LEU B 221 29.10 28.86 12.29
N ALA B 222 28.12 27.99 11.96
CA ALA B 222 27.80 26.86 12.81
C ALA B 222 28.92 25.82 12.74
N TYR B 223 29.40 25.57 11.50
CA TYR B 223 30.55 24.73 11.26
C TYR B 223 31.76 25.18 12.03
N ASP B 224 32.13 26.45 11.95
CA ASP B 224 33.28 26.94 12.75
C ASP B 224 33.12 26.75 14.27
N ALA B 225 31.92 26.99 14.78
CA ALA B 225 31.63 26.81 16.18
C ALA B 225 31.79 25.36 16.66
N MET B 226 31.50 24.41 15.77
CA MET B 226 31.48 22.98 16.08
C MET B 226 32.84 22.25 15.91
N GLN B 227 33.74 22.86 15.18
CA GLN B 227 35.03 22.29 14.84
C GLN B 227 35.93 22.14 16.05
N GLY B 228 36.82 21.13 16.01
CA GLY B 228 37.80 20.95 17.02
C GLY B 228 37.99 19.47 17.34
N PRO B 229 39.24 19.05 17.61
CA PRO B 229 39.49 17.66 17.99
C PRO B 229 38.69 17.26 19.23
N ASP B 230 38.38 15.99 19.32
CA ASP B 230 37.73 15.43 20.47
C ASP B 230 38.41 14.06 20.69
N PRO B 231 39.45 14.02 21.56
CA PRO B 231 40.15 12.75 21.82
C PRO B 231 39.26 11.62 22.34
N LEU B 232 38.10 11.92 22.91
CA LEU B 232 37.20 10.87 23.35
C LEU B 232 36.32 10.33 22.22
N ASP B 233 36.41 10.85 21.00
CA ASP B 233 35.57 10.41 19.89
C ASP B 233 36.42 9.53 18.93
N PRO B 234 36.12 8.24 18.82
CA PRO B 234 36.97 7.38 17.98
C PRO B 234 36.99 7.73 16.49
N GLY B 235 35.88 8.23 15.94
CA GLY B 235 35.87 8.68 14.56
C GLY B 235 36.55 9.95 14.12
N CSO B 236 36.90 10.82 15.06
CA CSO B 236 37.48 12.16 14.75
CB CSO B 236 37.44 13.03 16.01
SG CSO B 236 38.03 14.70 15.69
C CSO B 236 38.90 12.06 14.28
O CSO B 236 39.72 11.43 14.97
OD CSO B 236 36.50 15.61 15.88
N SER B 237 39.22 12.67 13.14
CA SER B 237 40.63 12.74 12.69
C SER B 237 41.10 14.15 12.50
N ALA B 238 40.31 15.14 12.88
CA ALA B 238 40.69 16.53 12.61
C ALA B 238 41.56 16.97 13.75
N SER B 239 42.78 17.40 13.48
CA SER B 239 43.67 17.73 14.60
C SER B 239 43.67 19.20 14.97
N ARG B 240 43.09 20.06 14.13
N ARG B 240 43.10 20.04 14.12
CA ARG B 240 42.96 21.46 14.47
CA ARG B 240 42.93 21.43 14.48
C ARG B 240 41.78 22.09 13.76
C ARG B 240 41.78 22.09 13.75
N ILE B 241 41.44 23.29 14.22
CA ILE B 241 40.38 24.08 13.67
C ILE B 241 40.87 24.77 12.41
N GLN B 242 40.08 24.74 11.33
CA GLN B 242 40.37 25.41 10.07
C GLN B 242 39.18 26.32 9.75
N PRO B 243 39.25 27.57 10.20
CA PRO B 243 38.05 28.42 10.08
C PRO B 243 37.62 28.70 8.64
N SER B 244 36.34 28.58 8.35
CA SER B 244 35.80 28.88 7.05
C SER B 244 35.23 30.32 6.94
N VAL B 245 34.78 30.90 8.05
CA VAL B 245 34.10 32.19 8.01
C VAL B 245 34.96 33.31 7.42
N PRO B 246 36.24 33.43 7.81
CA PRO B 246 37.08 34.51 7.26
C PRO B 246 37.32 34.47 5.76
N VAL B 247 37.19 33.31 5.13
CA VAL B 247 37.42 33.23 3.68
C VAL B 247 36.15 33.00 2.86
N LEU B 248 35.01 33.03 3.51
CA LEU B 248 33.74 32.69 2.85
C LEU B 248 33.47 33.51 1.61
N SER B 249 33.89 34.78 1.63
CA SER B 249 33.70 35.68 0.49
C SER B 249 34.91 35.86 -0.40
N GLN B 250 35.87 34.96 -0.31
CA GLN B 250 37.06 35.01 -1.15
C GLN B 250 36.75 34.77 -2.63
N GLY B 251 35.66 34.07 -2.96
CA GLY B 251 35.29 33.79 -4.36
C GLY B 251 36.05 32.57 -4.90
N ILE B 252 35.90 32.34 -6.19
CA ILE B 252 36.33 31.12 -6.87
C ILE B 252 37.32 31.37 -7.97
N ALA B 253 37.93 32.57 -8.05
CA ALA B 253 38.83 32.88 -9.21
C ALA B 253 39.97 31.87 -9.19
N GLY B 254 40.25 31.25 -10.34
CA GLY B 254 41.38 30.35 -10.44
C GLY B 254 41.13 28.89 -10.04
N LEU B 255 39.97 28.59 -9.42
CA LEU B 255 39.64 27.23 -9.05
C LEU B 255 39.23 26.42 -10.25
N ARG B 256 39.53 25.14 -10.21
CA ARG B 256 39.12 24.21 -11.24
C ARG B 256 37.78 23.56 -10.85
N ILE B 257 36.72 23.89 -11.58
CA ILE B 257 35.37 23.41 -11.24
C ILE B 257 34.81 22.61 -12.37
N GLY B 258 34.34 21.41 -12.09
CA GLY B 258 33.76 20.52 -13.09
C GLY B 258 32.38 20.03 -12.78
N VAL B 259 31.72 19.51 -13.80
CA VAL B 259 30.39 18.97 -13.70
C VAL B 259 30.42 17.45 -13.85
N LEU B 260 29.81 16.70 -12.90
CA LEU B 260 29.88 15.25 -12.96
C LEU B 260 28.94 14.74 -14.03
N GLY B 261 29.36 13.76 -14.81
CA GLY B 261 28.50 13.12 -15.77
C GLY B 261 28.26 11.69 -15.41
N GLY B 262 27.94 10.88 -16.45
CA GLY B 262 27.64 9.44 -16.33
C GLY B 262 26.51 9.18 -15.32
N TRP B 263 26.84 8.47 -14.24
CA TRP B 263 25.91 8.14 -13.16
C TRP B 263 25.13 9.36 -12.69
N PHE B 264 25.83 10.49 -12.57
CA PHE B 264 25.23 11.72 -12.04
C PHE B 264 24.36 12.49 -13.04
N ARG B 265 24.41 12.10 -14.30
CA ARG B 265 23.48 12.58 -15.34
C ARG B 265 22.34 11.59 -15.59
N ASP B 266 22.69 10.31 -15.72
CA ASP B 266 21.69 9.22 -15.92
C ASP B 266 20.67 9.11 -14.82
N ASN B 267 21.07 9.37 -13.56
CA ASN B 267 20.14 9.32 -12.44
C ASN B 267 19.58 10.70 -12.03
N ALA B 268 19.64 11.68 -12.90
CA ALA B 268 19.12 12.98 -12.68
C ALA B 268 17.97 13.25 -13.64
N GLY B 269 16.81 13.56 -13.10
CA GLY B 269 15.67 14.00 -13.89
C GLY B 269 15.87 15.38 -14.51
N PRO B 270 14.89 15.81 -15.28
CA PRO B 270 15.01 17.11 -16.02
C PRO B 270 15.25 18.34 -15.12
N ALA B 271 14.53 18.44 -14.04
CA ALA B 271 14.72 19.53 -13.08
C ALA B 271 16.12 19.51 -12.40
N ALA B 272 16.58 18.32 -12.01
CA ALA B 272 17.92 18.15 -11.42
C ALA B 272 19.02 18.57 -12.40
N ARG B 273 18.89 18.16 -13.67
CA ARG B 273 19.84 18.57 -14.71
C ARG B 273 19.84 20.08 -14.97
N ALA B 274 18.68 20.72 -14.92
CA ALA B 274 18.58 22.16 -15.10
C ALA B 274 19.20 22.92 -13.97
N ALA B 275 19.02 22.41 -12.76
CA ALA B 275 19.64 23.03 -11.62
C ALA B 275 21.18 22.93 -11.74
N VAL B 276 21.70 21.77 -12.13
CA VAL B 276 23.17 21.65 -12.27
C VAL B 276 23.66 22.59 -13.34
N ASP B 277 22.96 22.62 -14.47
CA ASP B 277 23.31 23.53 -15.60
C ASP B 277 23.41 24.98 -15.20
N VAL B 278 22.44 25.47 -14.45
CA VAL B 278 22.52 26.90 -14.04
C VAL B 278 23.59 27.12 -13.03
N ALA B 279 23.77 26.17 -12.08
CA ALA B 279 24.85 26.32 -11.11
C ALA B 279 26.23 26.28 -11.79
N ALA B 280 26.41 25.37 -12.75
CA ALA B 280 27.63 25.25 -13.57
C ALA B 280 27.97 26.53 -14.31
N LEU B 281 26.98 27.09 -15.01
CA LEU B 281 27.15 28.39 -15.69
C LEU B 281 27.57 29.49 -14.75
N THR B 282 26.92 29.60 -13.61
CA THR B 282 27.27 30.65 -12.63
C THR B 282 28.68 30.47 -12.09
N LEU B 283 29.11 29.23 -11.86
CA LEU B 283 30.44 28.94 -11.34
C LEU B 283 31.53 28.75 -12.41
N GLY B 284 31.20 28.97 -13.66
CA GLY B 284 32.19 28.88 -14.72
C GLY B 284 32.63 27.48 -15.09
N ALA B 285 31.84 26.46 -14.79
CA ALA B 285 32.27 25.10 -14.97
C ALA B 285 31.64 24.63 -16.26
N SER B 286 32.43 24.07 -17.15
CA SER B 286 31.88 23.46 -18.39
C SER B 286 32.31 22.04 -18.65
N GLU B 287 33.48 21.62 -18.12
CA GLU B 287 34.02 20.30 -18.40
C GLU B 287 33.27 19.19 -17.64
N VAL B 288 32.91 18.12 -18.36
CA VAL B 288 32.21 16.98 -17.80
C VAL B 288 33.25 16.00 -17.26
N VAL B 289 33.08 15.57 -16.02
CA VAL B 289 34.09 14.77 -15.30
C VAL B 289 33.41 13.47 -14.89
N MET B 290 34.12 12.35 -15.06
CA MET B 290 33.63 11.05 -14.59
C MET B 290 34.12 10.82 -13.15
N TRP B 291 33.18 10.50 -12.27
CA TRP B 291 33.50 10.13 -10.91
C TRP B 291 33.88 8.67 -10.99
N PRO B 292 34.97 8.27 -10.32
CA PRO B 292 35.35 6.83 -10.45
C PRO B 292 34.32 5.84 -9.79
N ASP B 293 33.93 4.83 -10.56
CA ASP B 293 33.16 3.69 -10.08
C ASP B 293 31.95 4.10 -9.25
N ALA B 294 31.17 5.06 -9.72
CA ALA B 294 30.10 5.63 -8.85
C ALA B 294 29.07 4.61 -8.44
N GLU B 295 28.63 3.81 -9.39
CA GLU B 295 27.59 2.84 -9.09
C GLU B 295 28.08 1.78 -8.07
N ILE B 296 29.36 1.42 -8.16
N ILE B 296 29.32 1.38 -8.20
CA ILE B 296 29.97 0.44 -7.27
CA ILE B 296 29.90 0.46 -7.29
C ILE B 296 30.19 1.08 -5.89
C ILE B 296 30.14 1.10 -5.91
N GLY B 297 30.56 2.37 -5.88
CA GLY B 297 30.66 3.14 -4.66
C GLY B 297 29.36 3.17 -3.88
N ARG B 298 28.26 3.35 -4.60
CA ARG B 298 26.94 3.25 -3.99
C ARG B 298 26.69 1.84 -3.42
N ALA B 299 27.03 0.84 -4.23
CA ALA B 299 26.80 -0.54 -3.86
C ALA B 299 27.52 -0.91 -2.57
N ALA B 300 28.78 -0.54 -2.48
CA ALA B 300 29.58 -0.84 -1.33
C ALA B 300 29.07 -0.10 -0.08
N ALA B 301 28.70 1.17 -0.23
CA ALA B 301 28.08 1.92 0.89
C ALA B 301 26.81 1.25 1.36
N PHE B 302 26.02 0.78 0.41
CA PHE B 302 24.73 0.16 0.70
C PHE B 302 24.93 -1.12 1.51
N VAL B 303 25.88 -1.94 1.08
CA VAL B 303 26.24 -3.18 1.76
C VAL B 303 26.73 -2.95 3.19
N ILE B 304 27.68 -2.07 3.37
CA ILE B 304 28.24 -1.78 4.68
C ILE B 304 27.18 -1.19 5.62
N THR B 305 26.34 -0.32 5.08
CA THR B 305 25.30 0.32 5.84
C THR B 305 24.35 -0.69 6.41
N ALA B 306 23.85 -1.58 5.55
CA ALA B 306 22.83 -2.51 5.96
C ALA B 306 23.37 -3.48 7.02
N SER B 307 24.56 -4.00 6.84
CA SER B 307 25.11 -4.92 7.86
C SER B 307 25.45 -4.24 9.18
N GLU B 308 26.15 -3.10 9.11
CA GLU B 308 26.56 -2.43 10.35
C GLU B 308 25.29 -1.89 11.06
N GLY B 309 24.35 -1.26 10.33
CA GLY B 309 23.13 -0.76 10.96
C GLY B 309 22.24 -1.88 11.52
N GLY B 310 22.01 -2.92 10.72
CA GLY B 310 21.25 -4.04 11.21
C GLY B 310 21.86 -4.73 12.42
N CYS B 311 23.17 -5.03 12.36
CA CYS B 311 23.79 -5.72 13.49
C CYS B 311 23.80 -4.89 14.77
N LEU B 312 23.90 -3.58 14.63
CA LEU B 312 23.79 -2.71 15.80
C LEU B 312 22.50 -2.94 16.60
N HIS B 313 21.42 -3.34 15.92
N HIS B 313 21.42 -3.33 15.93
CA HIS B 313 20.10 -3.51 16.54
CA HIS B 313 20.12 -3.49 16.52
C HIS B 313 19.72 -4.98 16.74
C HIS B 313 19.72 -4.96 16.73
N LEU B 314 20.69 -5.87 16.68
CA LEU B 314 20.39 -7.30 16.65
C LEU B 314 19.63 -7.80 17.89
N ASP B 315 19.98 -7.33 19.06
CA ASP B 315 19.30 -7.81 20.26
C ASP B 315 17.86 -7.46 20.30
N ASP B 316 17.52 -6.24 19.89
CA ASP B 316 16.11 -5.90 19.69
C ASP B 316 15.42 -6.59 18.54
N LEU B 317 16.13 -6.82 17.44
CA LEU B 317 15.51 -7.57 16.35
C LEU B 317 15.19 -9.00 16.74
N ARG B 318 15.96 -9.57 17.67
CA ARG B 318 15.70 -10.88 18.17
C ARG B 318 14.41 -11.02 19.00
N ILE B 319 14.13 -10.05 19.84
CA ILE B 319 12.99 -10.21 20.74
C ILE B 319 11.76 -9.39 20.32
N ARG B 320 11.93 -8.24 19.62
CA ARG B 320 10.79 -7.34 19.35
C ARG B 320 10.74 -6.68 18.00
N PRO B 321 10.82 -7.49 16.92
CA PRO B 321 10.84 -6.88 15.60
C PRO B 321 9.57 -6.06 15.26
N GLN B 322 8.45 -6.48 15.82
CA GLN B 322 7.18 -5.77 15.67
C GLN B 322 7.14 -4.34 16.25
N ASP B 323 8.05 -4.01 17.15
CA ASP B 323 8.18 -2.67 17.68
C ASP B 323 9.05 -1.71 16.90
N PHE B 324 9.70 -2.17 15.84
CA PHE B 324 10.46 -1.28 14.96
C PHE B 324 9.45 -0.64 13.95
N GLU B 325 9.96 0.34 13.22
CA GLU B 325 9.29 0.97 12.07
C GLU B 325 9.01 -0.08 10.98
N PRO B 326 7.73 -0.37 10.68
CA PRO B 326 7.40 -1.33 9.56
C PRO B 326 8.05 -1.02 8.21
N LEU B 327 8.30 0.25 7.89
CA LEU B 327 8.96 0.58 6.61
C LEU B 327 10.44 0.24 6.53
N SER B 328 11.10 -0.02 7.66
CA SER B 328 12.50 -0.31 7.60
C SER B 328 12.93 -1.57 8.30
N VAL B 329 12.07 -2.16 9.15
CA VAL B 329 12.55 -3.26 9.95
C VAL B 329 13.06 -4.44 9.08
N ASP B 330 12.39 -4.71 7.95
CA ASP B 330 12.81 -5.80 7.07
C ASP B 330 14.10 -5.47 6.33
N ARG B 331 14.43 -4.22 6.19
CA ARG B 331 15.73 -3.83 5.63
C ARG B 331 16.83 -4.01 6.60
N PHE B 332 16.58 -3.70 7.87
CA PHE B 332 17.58 -3.99 8.92
C PHE B 332 17.79 -5.52 9.02
N ILE B 333 16.71 -6.30 8.96
CA ILE B 333 16.87 -7.74 9.04
C ILE B 333 17.67 -8.28 7.84
N SER B 334 17.32 -7.85 6.65
CA SER B 334 18.10 -8.19 5.47
C SER B 334 19.59 -7.92 5.65
N GLY B 335 19.89 -6.75 6.19
CA GLY B 335 21.29 -6.36 6.47
C GLY B 335 22.01 -7.34 7.39
N VAL B 336 21.31 -7.78 8.46
CA VAL B 336 21.90 -8.76 9.41
C VAL B 336 22.24 -10.10 8.69
N LEU B 337 21.41 -10.47 7.69
CA LEU B 337 21.55 -11.73 7.00
C LEU B 337 22.55 -11.74 5.83
N GLN B 338 23.18 -10.59 5.55
CA GLN B 338 24.10 -10.48 4.43
C GLN B 338 25.35 -11.29 4.68
N PRO B 339 25.76 -12.10 3.69
CA PRO B 339 27.03 -12.81 3.83
C PRO B 339 28.20 -11.83 4.27
N VAL B 340 29.05 -12.33 5.15
CA VAL B 340 30.26 -11.63 5.54
C VAL B 340 31.13 -11.34 4.32
N ALA B 341 31.12 -12.18 3.30
CA ALA B 341 31.96 -11.89 2.14
C ALA B 341 31.62 -10.54 1.45
N TRP B 342 30.35 -10.17 1.50
CA TRP B 342 29.90 -8.89 0.85
C TRP B 342 30.49 -7.73 1.62
N TYR B 343 30.42 -7.84 2.96
CA TYR B 343 30.94 -6.78 3.84
C TYR B 343 32.45 -6.58 3.61
N LEU B 344 33.19 -7.69 3.68
CA LEU B 344 34.66 -7.62 3.53
C LEU B 344 35.11 -7.09 2.15
N ARG B 345 34.42 -7.58 1.12
CA ARG B 345 34.67 -7.04 -0.20
C ARG B 345 34.45 -5.56 -0.35
N ALA B 346 33.35 -5.07 0.23
CA ALA B 346 33.08 -3.65 0.28
C ALA B 346 34.11 -2.82 1.03
N GLN B 347 34.61 -3.34 2.12
CA GLN B 347 35.67 -2.67 2.89
C GLN B 347 37.02 -2.66 2.12
N ARG B 348 37.29 -3.72 1.33
CA ARG B 348 38.49 -3.77 0.54
C ARG B 348 38.36 -2.85 -0.66
N PHE B 349 37.17 -2.84 -1.28
CA PHE B 349 36.91 -1.93 -2.37
C PHE B 349 37.01 -0.48 -1.90
N ARG B 350 36.60 -0.19 -0.65
CA ARG B 350 36.66 1.17 -0.17
C ARG B 350 38.08 1.76 -0.19
N ARG B 351 39.11 0.96 0.06
CA ARG B 351 40.52 1.42 -0.10
C ARG B 351 40.80 1.84 -1.55
N VAL B 352 40.40 1.00 -2.51
CA VAL B 352 40.61 1.28 -3.93
C VAL B 352 39.87 2.60 -4.29
N TYR B 353 38.63 2.69 -3.83
CA TYR B 353 37.76 3.84 -4.10
C TYR B 353 38.35 5.13 -3.52
N ARG B 354 38.79 5.09 -2.25
CA ARG B 354 39.45 6.22 -1.60
C ARG B 354 40.63 6.72 -2.46
N ASP B 355 41.47 5.78 -2.91
CA ASP B 355 42.60 6.13 -3.74
C ASP B 355 42.17 6.81 -5.01
N LYS B 356 41.13 6.30 -5.68
CA LYS B 356 40.68 6.85 -6.94
C LYS B 356 40.04 8.25 -6.78
N VAL B 357 39.23 8.42 -5.72
CA VAL B 357 38.65 9.71 -5.45
C VAL B 357 39.72 10.78 -5.11
N ASN B 358 40.66 10.46 -4.22
CA ASN B 358 41.74 11.40 -3.91
C ASN B 358 42.57 11.75 -5.14
N ALA B 359 42.77 10.77 -6.03
CA ALA B 359 43.50 11.03 -7.28
C ALA B 359 42.71 11.96 -8.22
N LEU B 360 41.41 11.75 -8.32
CA LEU B 360 40.52 12.61 -9.08
C LEU B 360 40.65 14.08 -8.66
N PHE B 361 40.67 14.31 -7.34
CA PHE B 361 40.80 15.68 -6.83
C PHE B 361 42.20 16.33 -6.90
N ARG B 362 43.19 15.61 -7.43
CA ARG B 362 44.44 16.28 -7.86
C ARG B 362 44.23 17.20 -9.09
N ASP B 363 43.14 17.02 -9.84
CA ASP B 363 42.87 17.81 -11.01
C ASP B 363 41.70 18.79 -10.84
N TRP B 364 41.00 18.76 -9.70
CA TRP B 364 39.76 19.51 -9.55
C TRP B 364 39.71 20.05 -8.14
N ASP B 365 39.16 21.25 -8.00
CA ASP B 365 38.91 21.85 -6.68
C ASP B 365 37.46 21.58 -6.20
N ILE B 366 36.49 21.73 -7.10
N ILE B 366 36.49 21.75 -7.08
CA ILE B 366 35.08 21.52 -6.84
CA ILE B 366 35.09 21.49 -6.82
C ILE B 366 34.44 20.74 -7.98
C ILE B 366 34.46 20.70 -7.96
N LEU B 367 33.54 19.78 -7.64
CA LEU B 367 32.77 19.07 -8.62
C LEU B 367 31.30 19.22 -8.30
N ILE B 368 30.45 19.38 -9.34
CA ILE B 368 29.05 19.70 -9.17
C ILE B 368 28.15 18.54 -9.61
N ALA B 369 27.15 18.23 -8.81
CA ALA B 369 26.18 17.22 -9.11
C ALA B 369 24.85 17.60 -8.52
N PRO B 370 23.75 16.95 -8.96
CA PRO B 370 22.50 17.24 -8.28
C PRO B 370 22.45 16.50 -6.97
N ALA B 371 21.71 17.03 -6.03
CA ALA B 371 21.52 16.38 -4.73
C ALA B 371 20.51 15.23 -4.74
N THR B 372 19.43 15.38 -5.48
CA THR B 372 18.42 14.36 -5.56
C THR B 372 18.01 14.20 -7.03
N PRO B 373 17.51 12.99 -7.42
CA PRO B 373 17.13 12.77 -8.82
C PRO B 373 15.93 13.59 -9.26
N ILE B 374 15.02 13.88 -8.31
CA ILE B 374 13.82 14.64 -8.53
C ILE B 374 13.52 15.50 -7.27
N SER B 375 12.56 16.39 -7.38
CA SER B 375 12.01 17.13 -6.24
C SER B 375 11.07 16.28 -5.42
N ALA B 376 10.56 16.81 -4.31
CA ALA B 376 9.86 16.01 -3.33
C ALA B 376 8.65 15.28 -3.88
N PRO B 377 8.61 13.94 -3.78
CA PRO B 377 7.39 13.21 -4.15
C PRO B 377 6.32 13.31 -3.09
N ALA B 378 5.13 12.84 -3.44
CA ALA B 378 3.97 12.82 -2.53
C ALA B 378 4.28 11.87 -1.38
N ILE B 379 3.82 12.22 -0.20
CA ILE B 379 3.81 11.31 0.92
C ILE B 379 3.09 10.01 0.51
N GLY B 380 3.66 8.86 0.82
CA GLY B 380 3.06 7.56 0.47
C GLY B 380 3.52 6.95 -0.85
N THR B 381 4.46 7.60 -1.55
CA THR B 381 4.92 7.15 -2.86
C THR B 381 5.83 5.94 -2.68
N GLU B 382 5.54 4.86 -3.41
CA GLU B 382 6.38 3.66 -3.37
C GLU B 382 7.38 3.57 -4.53
N TRP B 383 7.03 4.12 -5.71
CA TRP B 383 7.81 3.98 -6.95
C TRP B 383 7.92 5.31 -7.63
N ILE B 384 9.09 5.66 -8.16
CA ILE B 384 9.25 6.91 -8.94
C ILE B 384 9.82 6.60 -10.30
N GLU B 385 9.71 7.56 -11.22
CA GLU B 385 10.34 7.42 -12.51
C GLU B 385 11.37 8.51 -12.69
N VAL B 386 12.57 8.10 -13.07
CA VAL B 386 13.67 9.04 -13.39
C VAL B 386 14.13 8.80 -14.85
N ASN B 387 13.92 9.81 -15.68
CA ASN B 387 14.12 9.73 -17.15
C ASN B 387 13.49 8.44 -17.73
N GLY B 388 12.25 8.16 -17.36
CA GLY B 388 11.57 6.96 -17.81
C GLY B 388 11.89 5.65 -17.10
N THR B 389 12.87 5.60 -16.20
CA THR B 389 13.20 4.34 -15.51
C THR B 389 12.70 4.34 -14.04
N ARG B 390 11.99 3.28 -13.73
CA ARG B 390 11.46 3.03 -12.39
C ARG B 390 12.53 2.76 -11.29
N HIS B 391 12.31 3.31 -10.09
CA HIS B 391 13.05 2.96 -8.88
C HIS B 391 12.13 2.96 -7.64
N PRO B 392 12.41 2.11 -6.65
CA PRO B 392 11.71 2.25 -5.36
C PRO B 392 12.03 3.62 -4.74
N CYS B 393 10.99 4.37 -4.37
CA CYS B 393 11.12 5.76 -3.97
C CYS B 393 12.07 5.98 -2.82
N ARG B 394 11.93 5.22 -1.75
CA ARG B 394 12.69 5.45 -0.53
C ARG B 394 14.19 5.33 -0.75
N PRO B 395 14.72 4.21 -1.27
CA PRO B 395 16.18 4.17 -1.56
C PRO B 395 16.64 5.13 -2.64
N ALA B 396 15.78 5.35 -3.63
CA ALA B 396 16.16 6.17 -4.78
C ALA B 396 16.55 7.59 -4.48
N MET B 397 15.98 8.20 -3.42
CA MET B 397 16.27 9.59 -3.08
C MET B 397 17.79 9.80 -2.86
N GLY B 398 18.51 8.76 -2.47
CA GLY B 398 19.97 8.84 -2.23
C GLY B 398 20.89 8.37 -3.34
N LEU B 399 20.36 8.12 -4.51
CA LEU B 399 21.18 7.66 -5.66
C LEU B 399 22.41 8.53 -5.96
N LEU B 400 22.21 9.86 -5.86
CA LEU B 400 23.29 10.82 -6.19
C LEU B 400 24.17 11.19 -4.98
N THR B 401 23.67 10.97 -3.78
CA THR B 401 24.39 11.31 -2.54
C THR B 401 25.31 10.17 -2.09
N GLN B 402 24.84 8.95 -2.26
CA GLN B 402 25.45 7.78 -1.60
C GLN B 402 26.92 7.50 -2.06
N PRO B 403 27.24 7.67 -3.38
CA PRO B 403 28.62 7.47 -3.76
C PRO B 403 29.62 8.46 -3.11
N VAL B 404 29.15 9.66 -2.82
CA VAL B 404 30.04 10.74 -2.38
C VAL B 404 30.39 10.67 -0.89
N SER B 405 29.40 10.44 -0.04
CA SER B 405 29.65 10.22 1.39
C SER B 405 30.48 8.94 1.66
N PHE B 406 30.52 7.99 0.74
CA PHE B 406 31.30 6.77 0.95
C PHE B 406 32.79 7.07 0.94
N ALA B 407 33.21 8.03 0.10
CA ALA B 407 34.56 8.55 0.08
C ALA B 407 34.80 9.58 1.20
N GLY B 408 33.72 10.13 1.77
CA GLY B 408 33.85 11.04 2.94
C GLY B 408 34.22 12.45 2.52
N CYS B 409 33.98 12.82 1.24
CA CYS B 409 34.28 14.17 0.73
C CYS B 409 33.27 15.18 1.29
N PRO B 410 33.70 16.39 1.62
CA PRO B 410 32.74 17.38 2.11
C PRO B 410 31.84 17.89 0.97
N VAL B 411 30.59 18.25 1.33
CA VAL B 411 29.58 18.66 0.34
C VAL B 411 28.76 19.78 0.92
N VAL B 412 28.57 20.87 0.15
CA VAL B 412 27.49 21.84 0.44
C VAL B 412 26.36 21.55 -0.50
N ALA B 413 25.18 21.47 0.05
CA ALA B 413 23.93 21.34 -0.68
C ALA B 413 23.26 22.72 -0.79
N ALA B 414 23.26 23.25 -1.99
CA ALA B 414 22.78 24.63 -2.27
C ALA B 414 21.36 24.55 -2.85
N PRO B 415 20.40 25.27 -2.28
CA PRO B 415 18.98 25.19 -2.71
C PRO B 415 18.71 26.06 -3.95
N THR B 416 18.15 25.45 -5.01
CA THR B 416 17.82 26.13 -6.26
C THR B 416 16.38 25.85 -6.65
N TRP B 417 15.89 26.64 -7.63
CA TRP B 417 14.45 26.69 -7.89
C TRP B 417 14.28 26.58 -9.42
N PRO B 418 14.37 25.36 -9.97
CA PRO B 418 14.24 25.20 -11.42
C PRO B 418 12.79 25.42 -11.93
N GLY B 419 12.70 25.86 -13.19
CA GLY B 419 11.43 26.00 -13.88
C GLY B 419 10.76 24.68 -14.21
N GLU B 420 9.48 24.77 -14.52
CA GLU B 420 8.64 23.63 -14.94
C GLU B 420 8.73 22.49 -13.93
N ASN B 421 8.66 22.86 -12.67
CA ASN B 421 8.82 21.91 -11.60
C ASN B 421 7.84 22.14 -10.46
N ASP B 422 6.66 22.72 -10.75
CA ASP B 422 5.59 23.00 -9.78
C ASP B 422 6.03 23.92 -8.64
N GLY B 423 7.00 24.79 -8.89
CA GLY B 423 7.56 25.65 -7.86
C GLY B 423 8.33 24.93 -6.72
N MET B 424 8.72 23.66 -6.90
CA MET B 424 9.41 22.92 -5.83
C MET B 424 10.93 23.07 -6.01
N PRO B 425 11.66 23.09 -4.87
CA PRO B 425 13.11 23.24 -5.02
C PRO B 425 13.83 21.88 -5.32
N ILE B 426 15.09 22.03 -5.69
CA ILE B 426 16.00 20.92 -5.82
C ILE B 426 17.40 21.42 -5.55
N GLY B 427 18.21 20.61 -4.87
CA GLY B 427 19.50 21.03 -4.48
C GLY B 427 20.60 20.66 -5.43
N VAL B 428 21.72 21.38 -5.31
CA VAL B 428 22.94 21.03 -6.00
C VAL B 428 24.03 20.69 -4.97
N GLN B 429 24.75 19.60 -5.19
CA GLN B 429 25.95 19.24 -4.39
C GLN B 429 27.17 19.94 -4.93
N LEU B 430 27.87 20.67 -4.06
CA LEU B 430 29.20 21.21 -4.36
C LEU B 430 30.21 20.42 -3.55
N ILE B 431 30.97 19.56 -4.22
CA ILE B 431 31.78 18.52 -3.64
C ILE B 431 33.24 18.94 -3.76
N ALA B 432 33.98 18.83 -2.66
CA ALA B 432 35.41 19.05 -2.66
C ALA B 432 36.17 17.86 -2.10
N ALA B 433 37.51 17.91 -2.19
CA ALA B 433 38.36 16.86 -1.65
C ALA B 433 38.23 16.86 -0.10
N PRO B 434 38.55 15.71 0.55
CA PRO B 434 38.63 15.66 1.98
C PRO B 434 39.39 16.83 2.56
N TRP B 435 38.75 17.45 3.56
CA TRP B 435 39.30 18.57 4.33
C TRP B 435 39.15 19.96 3.68
N ASN B 436 38.47 20.01 2.55
CA ASN B 436 38.37 21.26 1.80
C ASN B 436 36.94 21.85 1.85
N GLU B 437 36.30 21.73 3.03
CA GLU B 437 35.00 22.35 3.29
C GLU B 437 34.96 23.84 2.87
N SER B 438 36.04 24.59 3.12
CA SER B 438 35.98 26.02 2.82
C SER B 438 35.85 26.32 1.31
N LEU B 439 36.31 25.40 0.44
CA LEU B 439 36.04 25.56 -1.02
C LEU B 439 34.57 25.37 -1.36
N CYS B 440 33.93 24.37 -0.76
CA CYS B 440 32.51 24.16 -0.96
C CYS B 440 31.74 25.38 -0.55
N LEU B 441 32.12 25.92 0.60
CA LEU B 441 31.41 27.08 1.16
C LEU B 441 31.65 28.34 0.32
N ARG B 442 32.90 28.54 -0.15
CA ARG B 442 33.19 29.65 -1.08
C ARG B 442 32.35 29.59 -2.36
N ALA B 443 32.18 28.39 -2.91
CA ALA B 443 31.35 28.18 -4.09
C ALA B 443 29.90 28.45 -3.79
N GLY B 444 29.44 28.01 -2.62
CA GLY B 444 28.09 28.30 -2.24
C GLY B 444 27.78 29.78 -2.11
N LYS B 445 28.75 30.53 -1.54
CA LYS B 445 28.60 31.95 -1.40
C LYS B 445 28.44 32.67 -2.76
N VAL B 446 29.17 32.24 -3.77
CA VAL B 446 28.96 32.79 -5.14
C VAL B 446 27.57 32.46 -5.64
N LEU B 447 27.07 31.24 -5.41
CA LEU B 447 25.72 30.96 -5.81
C LEU B 447 24.69 31.82 -5.08
N GLN B 448 24.93 32.05 -3.80
CA GLN B 448 24.02 32.85 -3.01
C GLN B 448 24.02 34.33 -3.45
N ASP B 449 25.19 34.87 -3.71
CA ASP B 449 25.35 36.27 -4.13
C ASP B 449 24.65 36.59 -5.44
N THR B 450 24.65 35.68 -6.39
CA THR B 450 24.01 35.88 -7.66
C THR B 450 22.54 35.56 -7.61
N GLY B 451 22.03 35.04 -6.51
CA GLY B 451 20.58 34.80 -6.40
C GLY B 451 20.12 33.48 -6.92
N ILE B 452 21.05 32.65 -7.43
CA ILE B 452 20.74 31.31 -7.95
C ILE B 452 20.37 30.33 -6.81
N ALA B 453 21.12 30.39 -5.70
CA ALA B 453 20.80 29.60 -4.51
C ALA B 453 20.15 30.49 -3.47
N ARG B 454 18.96 30.10 -3.02
CA ARG B 454 18.21 30.92 -2.05
C ARG B 454 17.11 30.11 -1.41
N LEU B 455 16.54 30.63 -0.32
CA LEU B 455 15.34 30.04 0.27
C LEU B 455 14.12 30.72 -0.32
N LYS B 456 12.94 30.15 -0.13
CA LYS B 456 11.70 30.86 -0.39
C LYS B 456 10.64 30.59 0.67
N CYS B 457 9.65 31.48 0.69
CA CYS B 457 8.38 31.27 1.40
C CYS B 457 7.30 30.53 0.58
N MET C 1 22.36 -16.65 -7.33
CA MET C 1 21.29 -16.90 -6.32
C MET C 1 19.91 -16.82 -6.95
N THR C 2 19.26 -17.96 -7.12
CA THR C 2 17.88 -17.95 -7.56
C THR C 2 16.95 -17.51 -6.40
N GLU C 3 15.70 -17.19 -6.74
CA GLU C 3 14.69 -16.79 -5.74
C GLU C 3 14.42 -17.92 -4.72
N THR C 4 14.45 -19.16 -5.17
CA THR C 4 14.21 -20.30 -4.27
C THR C 4 15.38 -20.53 -3.29
N GLU C 5 16.59 -20.28 -3.78
CA GLU C 5 17.79 -20.41 -2.96
C GLU C 5 17.79 -19.27 -1.92
N ILE C 6 17.36 -18.07 -2.33
CA ILE C 6 17.27 -16.91 -1.42
C ILE C 6 16.28 -17.21 -0.29
N PHE C 7 15.14 -17.76 -0.63
CA PHE C 7 14.15 -18.06 0.36
C PHE C 7 14.65 -19.07 1.39
N ALA C 8 15.28 -20.15 0.92
CA ALA C 8 15.88 -21.11 1.86
C ALA C 8 16.94 -20.48 2.74
N TYR C 9 17.74 -19.59 2.17
CA TYR C 9 18.81 -18.92 2.93
C TYR C 9 18.25 -17.98 4.01
N ILE C 10 17.30 -17.16 3.66
CA ILE C 10 16.66 -16.22 4.59
C ILE C 10 16.09 -17.01 5.78
N GLU C 11 15.37 -18.10 5.48
CA GLU C 11 14.82 -18.93 6.53
C GLU C 11 15.88 -19.51 7.46
N ALA C 12 16.91 -20.12 6.88
CA ALA C 12 17.95 -20.77 7.70
C ALA C 12 18.81 -19.74 8.42
N ALA C 13 19.17 -18.66 7.74
CA ALA C 13 20.05 -17.65 8.34
C ALA C 13 19.37 -16.89 9.51
N SER C 14 18.08 -16.63 9.36
CA SER C 14 17.30 -15.92 10.38
C SER C 14 17.19 -16.81 11.62
N ILE C 15 16.89 -18.09 11.43
CA ILE C 15 16.89 -19.06 12.57
C ILE C 15 18.26 -19.12 13.23
N ALA C 16 19.33 -19.22 12.44
CA ALA C 16 20.66 -19.31 13.00
C ALA C 16 21.07 -18.13 13.89
N ILE C 17 20.69 -16.91 13.50
CA ILE C 17 21.12 -15.75 14.25
C ILE C 17 20.07 -15.39 15.33
N GLY C 18 18.92 -16.05 15.36
CA GLY C 18 17.92 -15.83 16.42
C GLY C 18 16.82 -14.82 16.09
N ILE C 19 16.58 -14.52 14.81
CA ILE C 19 15.54 -13.57 14.43
C ILE C 19 14.36 -14.38 13.89
N PRO C 20 13.28 -14.46 14.69
CA PRO C 20 12.11 -15.26 14.29
C PRO C 20 11.35 -14.59 13.15
N LEU C 21 11.14 -15.28 12.04
CA LEU C 21 10.44 -14.74 10.88
C LEU C 21 9.20 -15.55 10.51
N GLU C 22 8.02 -14.94 10.62
CA GLU C 22 6.79 -15.50 10.04
C GLU C 22 6.90 -15.48 8.49
N PRO C 23 6.10 -16.31 7.79
CA PRO C 23 6.18 -16.36 6.34
C PRO C 23 6.03 -15.00 5.58
N ALA C 24 5.11 -14.14 5.95
CA ALA C 24 4.97 -12.85 5.25
C ALA C 24 6.25 -12.00 5.51
N ARG C 25 6.79 -12.06 6.74
CA ARG C 25 7.98 -11.32 7.02
C ARG C 25 9.17 -11.86 6.24
N ALA C 26 9.30 -13.17 6.16
CA ALA C 26 10.39 -13.76 5.39
C ALA C 26 10.35 -13.33 3.92
N ARG C 27 9.14 -13.25 3.33
CA ARG C 27 9.01 -12.79 1.93
C ARG C 27 9.44 -11.32 1.75
N ALA C 28 9.09 -10.48 2.71
CA ALA C 28 9.50 -9.07 2.65
C ALA C 28 11.01 -8.93 2.83
N VAL C 29 11.59 -9.70 3.77
CA VAL C 29 13.02 -9.72 3.91
C VAL C 29 13.72 -10.21 2.61
N ALA C 30 13.21 -11.26 1.97
CA ALA C 30 13.79 -11.75 0.70
C ALA C 30 13.73 -10.77 -0.45
N HIS C 31 12.67 -9.97 -0.51
CA HIS C 31 12.51 -8.90 -1.51
C HIS C 31 13.67 -7.91 -1.36
N HIS C 32 13.96 -7.43 -0.12
CA HIS C 32 15.05 -6.49 0.02
C HIS C 32 16.38 -7.18 -0.25
N PHE C 33 16.55 -8.39 0.30
CA PHE C 33 17.79 -9.11 0.15
C PHE C 33 18.15 -9.35 -1.31
N SER C 34 17.16 -9.63 -2.13
N SER C 34 17.16 -9.63 -2.13
CA SER C 34 17.39 -9.84 -3.56
CA SER C 34 17.39 -9.85 -3.55
C SER C 34 17.97 -8.64 -4.28
C SER C 34 17.97 -8.64 -4.28
N ARG C 35 17.47 -7.46 -3.93
CA ARG C 35 18.03 -6.20 -4.49
C ARG C 35 19.49 -6.00 -4.06
N THR C 36 19.74 -6.24 -2.79
CA THR C 36 21.12 -6.17 -2.25
C THR C 36 22.07 -7.19 -2.91
N ALA C 37 21.58 -8.40 -3.16
CA ALA C 37 22.40 -9.43 -3.83
C ALA C 37 22.88 -8.95 -5.21
N LEU C 38 22.09 -8.19 -5.95
CA LEU C 38 22.51 -7.64 -7.25
C LEU C 38 23.61 -6.62 -7.05
N LEU C 39 23.50 -5.79 -6.01
CA LEU C 39 24.59 -4.87 -5.66
C LEU C 39 25.87 -5.60 -5.31
N ALA C 40 25.77 -6.65 -4.54
CA ALA C 40 26.96 -7.38 -4.10
C ALA C 40 27.63 -8.05 -5.30
N GLU C 41 26.83 -8.52 -6.23
CA GLU C 41 27.30 -9.13 -7.45
C GLU C 41 28.08 -8.16 -8.29
N MET C 42 27.65 -6.93 -8.37
CA MET C 42 28.42 -5.90 -9.04
C MET C 42 29.74 -5.62 -8.36
N LEU C 43 29.75 -5.63 -7.05
N LEU C 43 29.74 -5.63 -7.04
CA LEU C 43 30.98 -5.45 -6.30
CA LEU C 43 30.99 -5.47 -6.28
C LEU C 43 31.99 -6.57 -6.59
C LEU C 43 31.99 -6.57 -6.60
N GLU C 44 31.50 -7.78 -6.82
CA GLU C 44 32.37 -8.93 -7.13
C GLU C 44 33.09 -8.81 -8.45
N SER C 45 32.59 -7.95 -9.35
CA SER C 45 33.24 -7.65 -10.63
C SER C 45 34.51 -6.82 -10.50
N VAL C 46 34.70 -6.09 -9.39
CA VAL C 46 35.94 -5.32 -9.19
C VAL C 46 37.15 -6.22 -8.97
N PRO C 47 38.24 -6.01 -9.74
CA PRO C 47 39.42 -6.87 -9.52
C PRO C 47 40.14 -6.43 -8.25
N LEU C 48 40.25 -7.36 -7.30
CA LEU C 48 41.01 -7.15 -6.11
C LEU C 48 42.03 -8.27 -6.12
N SER C 49 43.19 -7.99 -5.64
CA SER C 49 44.20 -9.02 -5.44
C SER C 49 44.24 -9.36 -3.94
N PRO C 50 44.92 -10.45 -3.60
CA PRO C 50 44.98 -10.77 -2.19
C PRO C 50 45.64 -9.66 -1.34
N GLU C 51 46.56 -8.90 -1.91
CA GLU C 51 47.20 -7.81 -1.21
C GLU C 51 46.40 -6.50 -1.30
N SER C 52 45.20 -6.48 -1.92
CA SER C 52 44.30 -5.34 -1.77
C SER C 52 43.70 -5.42 -0.37
N GLU C 53 44.17 -4.58 0.50
CA GLU C 53 43.76 -4.61 1.88
C GLU C 53 42.48 -3.86 2.22
N LEU C 54 41.96 -4.15 3.39
CA LEU C 54 40.90 -3.36 4.03
C LEU C 54 41.30 -1.88 4.09
N ALA C 55 40.30 -1.02 3.98
CA ALA C 55 40.45 0.40 4.08
C ALA C 55 41.06 0.82 5.41
N GLU C 56 40.78 0.10 6.50
CA GLU C 56 41.40 0.42 7.79
C GLU C 56 42.00 -0.81 8.46
N ILE C 57 43.25 -0.66 8.83
CA ILE C 57 43.99 -1.75 9.44
C ILE C 57 44.25 -1.36 10.91
N TYR C 58 44.14 -2.34 11.79
CA TYR C 58 44.38 -2.21 13.23
C TYR C 58 45.62 -1.44 13.65
N ARG C 59 45.46 -0.61 14.67
CA ARG C 59 46.56 0.13 15.30
C ARG C 59 46.50 -0.27 16.76
N PRO C 60 47.54 -0.95 17.27
CA PRO C 60 47.44 -1.50 18.62
C PRO C 60 47.56 -0.42 19.73
N ALA C 61 48.23 0.70 19.44
CA ALA C 61 48.46 1.81 20.35
C ALA C 61 49.15 2.91 19.53
N PRO C 62 49.04 4.17 19.96
CA PRO C 62 49.79 5.22 19.24
C PRO C 62 51.28 4.96 19.29
N PHE C 63 51.96 5.30 18.21
CA PHE C 63 53.41 5.15 18.18
C PHE C 63 54.02 6.24 19.11
N PRO C 64 54.94 5.88 20.01
CA PRO C 64 55.38 6.88 21.01
C PRO C 64 56.24 8.02 20.37
N ALA C 65 56.14 9.23 20.90
CA ALA C 65 56.97 10.37 20.49
C ALA C 65 58.42 10.21 20.89
N GLU C 66 59.30 10.84 20.13
CA GLU C 66 60.68 11.16 20.51
C GLU C 66 61.35 11.86 19.33
N MET D 1 -54.53 -19.98 -1.26
CA MET D 1 -54.89 -20.62 -2.52
C MET D 1 -54.86 -22.13 -2.32
N THR D 2 -56.01 -22.79 -2.47
CA THR D 2 -56.02 -24.23 -2.49
C THR D 2 -55.29 -24.83 -3.73
N GLU D 3 -55.00 -26.12 -3.68
CA GLU D 3 -54.37 -26.82 -4.83
C GLU D 3 -55.24 -26.77 -6.06
N THR D 4 -56.57 -26.82 -5.90
CA THR D 4 -57.48 -26.74 -7.04
C THR D 4 -57.49 -25.34 -7.71
N GLU D 5 -57.39 -24.31 -6.87
CA GLU D 5 -57.35 -22.91 -7.36
C GLU D 5 -56.06 -22.67 -8.08
N ILE D 6 -54.95 -23.26 -7.55
CA ILE D 6 -53.63 -23.10 -8.16
C ILE D 6 -53.63 -23.77 -9.53
N PHE D 7 -54.16 -24.97 -9.61
CA PHE D 7 -54.25 -25.71 -10.91
C PHE D 7 -54.97 -24.86 -11.94
N ALA D 8 -56.19 -24.37 -11.58
CA ALA D 8 -56.93 -23.57 -12.56
C ALA D 8 -56.17 -22.30 -12.96
N TYR D 9 -55.51 -21.67 -12.01
CA TYR D 9 -54.79 -20.43 -12.32
C TYR D 9 -53.59 -20.66 -13.25
N ILE D 10 -52.76 -21.64 -12.91
CA ILE D 10 -51.61 -21.99 -13.74
C ILE D 10 -52.05 -22.27 -15.17
N GLU D 11 -53.11 -23.05 -15.32
CA GLU D 11 -53.61 -23.38 -16.64
C GLU D 11 -54.08 -22.15 -17.44
N ALA D 12 -54.92 -21.31 -16.82
CA ALA D 12 -55.47 -20.15 -17.51
C ALA D 12 -54.42 -19.08 -17.75
N ALA D 13 -53.56 -18.85 -16.76
CA ALA D 13 -52.53 -17.81 -16.90
C ALA D 13 -51.47 -18.15 -17.95
N SER D 14 -51.08 -19.42 -17.99
CA SER D 14 -50.04 -19.88 -18.93
C SER D 14 -50.59 -19.76 -20.36
N ILE D 15 -51.84 -20.16 -20.57
CA ILE D 15 -52.50 -19.98 -21.88
C ILE D 15 -52.57 -18.49 -22.24
N ALA D 16 -53.03 -17.65 -21.32
CA ALA D 16 -53.16 -16.24 -21.58
C ALA D 16 -51.86 -15.52 -21.99
N ILE D 17 -50.73 -15.90 -21.36
CA ILE D 17 -49.47 -15.22 -21.62
C ILE D 17 -48.73 -15.90 -22.80
N GLY D 18 -49.24 -17.02 -23.31
CA GLY D 18 -48.64 -17.67 -24.50
C GLY D 18 -47.58 -18.73 -24.23
N ILE D 19 -47.64 -19.39 -23.06
CA ILE D 19 -46.68 -20.48 -22.75
C ILE D 19 -47.59 -21.69 -22.40
N PRO D 20 -48.20 -22.36 -23.39
CA PRO D 20 -49.00 -23.56 -23.15
C PRO D 20 -48.19 -24.66 -22.49
N LEU D 21 -48.78 -25.23 -21.44
CA LEU D 21 -48.12 -26.24 -20.60
C LEU D 21 -48.79 -27.63 -20.72
N GLU D 22 -48.00 -28.62 -21.10
CA GLU D 22 -48.38 -30.04 -21.02
C GLU D 22 -48.63 -30.44 -19.56
N PRO D 23 -49.40 -31.53 -19.34
CA PRO D 23 -49.77 -31.88 -17.96
C PRO D 23 -48.62 -32.03 -16.94
N ALA D 24 -47.53 -32.70 -17.31
CA ALA D 24 -46.45 -32.88 -16.36
C ALA D 24 -45.76 -31.52 -16.09
N ARG D 25 -45.63 -30.69 -17.13
CA ARG D 25 -45.02 -29.41 -16.91
C ARG D 25 -45.92 -28.50 -16.10
N ALA D 26 -47.23 -28.54 -16.31
CA ALA D 26 -48.16 -27.73 -15.49
C ALA D 26 -48.04 -28.11 -14.01
N ARG D 27 -47.88 -29.43 -13.71
CA ARG D 27 -47.71 -29.88 -12.32
C ARG D 27 -46.40 -29.34 -11.70
N ALA D 28 -45.33 -29.35 -12.47
CA ALA D 28 -44.06 -28.82 -12.02
C ALA D 28 -44.11 -27.32 -11.79
N VAL D 29 -44.74 -26.57 -12.71
CA VAL D 29 -44.93 -25.16 -12.55
C VAL D 29 -45.77 -24.86 -11.27
N ALA D 30 -46.85 -25.61 -11.04
CA ALA D 30 -47.67 -25.42 -9.85
C ALA D 30 -46.96 -25.70 -8.55
N HIS D 31 -46.05 -26.69 -8.55
CA HIS D 31 -45.22 -27.00 -7.39
C HIS D 31 -44.38 -25.75 -7.02
N HIS D 32 -43.68 -25.16 -7.99
CA HIS D 32 -42.89 -23.97 -7.66
C HIS D 32 -43.77 -22.79 -7.26
N PHE D 33 -44.85 -22.60 -7.99
CA PHE D 33 -45.75 -21.50 -7.74
C PHE D 33 -46.33 -21.57 -6.34
N SER D 34 -46.67 -22.76 -5.88
N SER D 34 -46.69 -22.77 -5.90
N SER D 34 -46.71 -22.76 -5.90
CA SER D 34 -47.21 -22.95 -4.53
CA SER D 34 -47.20 -23.00 -4.56
CA SER D 34 -47.27 -22.89 -4.57
C SER D 34 -46.26 -22.52 -3.43
C SER D 34 -46.27 -22.55 -3.45
C SER D 34 -46.28 -22.51 -3.46
N ARG D 35 -44.99 -22.83 -3.62
CA ARG D 35 -43.94 -22.36 -2.67
C ARG D 35 -43.85 -20.83 -2.64
N THR D 36 -43.87 -20.22 -3.81
CA THR D 36 -43.85 -18.77 -3.91
C THR D 36 -45.10 -18.11 -3.31
N ALA D 37 -46.27 -18.74 -3.48
CA ALA D 37 -47.48 -18.22 -2.87
C ALA D 37 -47.39 -18.10 -1.34
N LEU D 38 -46.68 -19.01 -0.68
CA LEU D 38 -46.45 -18.91 0.76
C LEU D 38 -45.59 -17.69 1.12
N LEU D 39 -44.58 -17.44 0.29
CA LEU D 39 -43.74 -16.24 0.45
C LEU D 39 -44.55 -14.96 0.27
N ALA D 40 -45.43 -14.93 -0.73
CA ALA D 40 -46.18 -13.74 -1.01
C ALA D 40 -47.15 -13.44 0.13
N GLU D 41 -47.72 -14.51 0.70
CA GLU D 41 -48.61 -14.46 1.82
C GLU D 41 -47.90 -13.77 3.01
N MET D 42 -46.65 -14.08 3.25
CA MET D 42 -45.89 -13.42 4.28
C MET D 42 -45.69 -11.94 4.04
N LEU D 43 -45.48 -11.56 2.78
CA LEU D 43 -45.40 -10.14 2.43
C LEU D 43 -46.68 -9.40 2.79
N GLU D 44 -47.82 -10.07 2.62
CA GLU D 44 -49.14 -9.45 2.92
C GLU D 44 -49.34 -9.16 4.39
N SER D 45 -48.56 -9.77 5.27
CA SER D 45 -48.57 -9.47 6.70
C SER D 45 -47.95 -8.14 7.07
N VAL D 46 -47.08 -7.58 6.23
CA VAL D 46 -46.46 -6.26 6.50
C VAL D 46 -47.52 -5.15 6.31
N PRO D 47 -47.69 -4.26 7.31
CA PRO D 47 -48.69 -3.20 7.11
C PRO D 47 -48.10 -2.11 6.20
N LEU D 48 -48.78 -1.84 5.11
CA LEU D 48 -48.40 -0.76 4.21
C LEU D 48 -49.63 0.12 4.14
N SER D 49 -49.43 1.41 4.11
CA SER D 49 -50.57 2.32 3.86
C SER D 49 -50.46 2.85 2.43
N PRO D 50 -51.53 3.49 1.95
CA PRO D 50 -51.48 4.01 0.60
C PRO D 50 -50.27 4.89 0.28
N GLU D 51 -49.78 5.63 1.25
CA GLU D 51 -48.64 6.52 1.06
C GLU D 51 -47.28 5.78 1.27
N SER D 52 -47.29 4.47 1.53
CA SER D 52 -46.05 3.67 1.49
C SER D 52 -45.71 3.47 0.03
N GLU D 53 -44.74 4.23 -0.43
CA GLU D 53 -44.40 4.21 -1.84
C GLU D 53 -43.41 3.08 -2.25
N LEU D 54 -43.32 2.88 -3.56
CA LEU D 54 -42.30 2.08 -4.17
C LEU D 54 -40.91 2.55 -3.74
N ALA D 55 -40.00 1.60 -3.67
CA ALA D 55 -38.62 1.88 -3.28
C ALA D 55 -37.94 2.87 -4.26
N GLU D 56 -38.31 2.84 -5.53
CA GLU D 56 -37.76 3.81 -6.50
C GLU D 56 -38.85 4.46 -7.36
N ILE D 57 -38.80 5.77 -7.40
CA ILE D 57 -39.85 6.55 -8.07
C ILE D 57 -39.12 7.22 -9.29
N TYR D 58 -39.81 7.31 -10.38
CA TYR D 58 -39.32 7.92 -11.63
C TYR D 58 -38.67 9.29 -11.49
N ARG D 59 -37.62 9.50 -12.25
CA ARG D 59 -36.93 10.80 -12.35
C ARG D 59 -36.91 11.10 -13.86
N PRO D 60 -37.59 12.17 -14.28
CA PRO D 60 -37.73 12.41 -15.71
C PRO D 60 -36.46 12.89 -16.43
N ALA D 61 -35.55 13.49 -15.68
CA ALA D 61 -34.23 13.98 -16.14
C ALA D 61 -33.46 14.48 -14.93
N PRO D 62 -32.14 14.58 -15.04
CA PRO D 62 -31.38 15.12 -13.86
C PRO D 62 -31.79 16.56 -13.64
N PHE D 63 -31.82 16.95 -12.38
CA PHE D 63 -32.19 18.30 -12.02
C PHE D 63 -31.04 19.22 -12.42
N PRO D 64 -31.31 20.33 -13.12
CA PRO D 64 -30.15 21.08 -13.69
C PRO D 64 -29.32 21.79 -12.60
N ALA D 65 -28.00 21.85 -12.81
CA ALA D 65 -27.10 22.51 -11.86
C ALA D 65 -27.27 24.02 -11.87
N GLU D 66 -26.90 24.65 -10.76
CA GLU D 66 -26.65 26.10 -10.70
C GLU D 66 -25.90 26.45 -9.42
MG MG E . 21.22 49.71 23.20
MG MG F . -51.48 -28.66 -9.91
MG MG G . -45.74 -27.67 -26.06
#